data_1KHW
#
_entry.id   1KHW
#
_cell.length_a   70.694
_cell.length_b   119.845
_cell.length_c   159.498
_cell.angle_alpha   90.00
_cell.angle_beta   90.00
_cell.angle_gamma   90.00
#
_symmetry.space_group_name_H-M   'P 21 21 21'
#
loop_
_entity.id
_entity.type
_entity.pdbx_description
1 polymer 'RNA-DIRECTED RNA POLYMERASE'
2 non-polymer 'MANGANESE (II) ION'
3 water water
#
_entity_poly.entity_id   1
_entity_poly.type   'polypeptide(L)'
_entity_poly.pdbx_seq_one_letter_code
;TSNFFCGEPIDYRGITAHRLVGAEPRPPVSGTRYAKVPGVPDEYKTGYRPANLGRSDPDSDKSLMNIAVKNLQVYQQEPK
LDKVDEFIERAAADVLGYLRFLTKGERQANLNFKAAFNTLDLSTSCGPFVPGKKIDHVKDGVMDQVLAKHLYKCWSVANS
GKALHHIYACGLKDELRPLDKVKEGKKRLLWGCDVGVAVCAAAVFHNICYKLKMVARFGPIAVGVDMTSRDVDVIINNLT
SKASDFLCLDYSKWDSTMSPCVVRLAIDILADCCEQTELTKSVVLTLKSHPMTILDAMIVQTKRGLPSGMPFTSVINSIC
HWLLWSAAVYKSCAEIGLHCSNLYEDAPFYTYGDDGVYAMTPMMVSLLPAIIENLRDYGLSPTAADKTEFIDVCPLNKIS
FLKRTFELTDIGWVSKLDKSSILRQLEWSKTTSRHMVIEETYDLAKEERGVQLEELQVAAAAHGQEFFNFVCRELERQQA
YTQFSVYSYDAARKILADRKRVVSVVPDDEFVNVME
;
_entity_poly.pdbx_strand_id   A,B
#
loop_
_chem_comp.id
_chem_comp.type
_chem_comp.name
_chem_comp.formula
MN non-polymer 'MANGANESE (II) ION' 'Mn 2'
#
# COMPACT_ATOMS: atom_id res chain seq x y z
N PHE A 5 -11.72 9.76 -37.62
CA PHE A 5 -11.15 11.09 -37.54
C PHE A 5 -10.07 11.35 -38.55
N CYS A 6 -10.09 10.58 -39.66
CA CYS A 6 -9.29 11.11 -40.80
C CYS A 6 -10.17 11.70 -41.87
N GLY A 7 -9.90 12.96 -42.27
CA GLY A 7 -10.65 13.43 -43.45
C GLY A 7 -9.92 13.18 -44.76
N GLU A 8 -9.43 14.30 -45.29
CA GLU A 8 -8.84 14.41 -46.64
C GLU A 8 -7.35 14.30 -46.51
N PRO A 9 -6.69 13.54 -47.36
CA PRO A 9 -5.26 13.28 -47.22
C PRO A 9 -4.34 14.49 -47.41
N ILE A 10 -3.36 14.59 -46.53
CA ILE A 10 -2.35 15.61 -46.61
C ILE A 10 -1.12 14.98 -47.26
N ASP A 11 -0.38 15.78 -48.03
CA ASP A 11 0.87 15.33 -48.59
C ASP A 11 1.86 16.46 -48.38
N TYR A 12 2.70 16.33 -47.36
CA TYR A 12 3.67 17.37 -47.06
C TYR A 12 5.01 16.76 -46.64
N ARG A 13 6.07 17.03 -47.41
CA ARG A 13 7.43 16.51 -47.19
C ARG A 13 7.60 14.98 -47.16
N GLY A 14 6.57 14.24 -47.53
CA GLY A 14 6.68 12.79 -47.54
C GLY A 14 6.00 12.06 -46.40
N ILE A 15 5.02 12.68 -45.75
CA ILE A 15 4.26 11.91 -44.78
C ILE A 15 2.87 11.64 -45.30
N THR A 16 2.32 10.51 -44.90
CA THR A 16 0.95 10.21 -45.21
C THR A 16 0.20 10.72 -44.01
N ALA A 17 -0.67 11.69 -44.22
CA ALA A 17 -1.45 12.24 -43.12
C ALA A 17 -2.83 12.55 -43.61
N HIS A 18 -3.65 13.08 -42.71
CA HIS A 18 -5.04 13.38 -42.99
C HIS A 18 -5.44 14.62 -42.16
N ARG A 19 -6.41 15.39 -42.63
CA ARG A 19 -6.87 16.57 -41.89
C ARG A 19 -7.72 16.13 -40.71
N LEU A 20 -7.40 16.59 -39.51
CA LEU A 20 -8.16 16.17 -38.33
C LEU A 20 -9.64 16.58 -38.37
N VAL A 21 -10.51 15.58 -38.34
CA VAL A 21 -11.95 15.77 -38.36
C VAL A 21 -12.52 15.19 -37.07
N GLY A 22 -13.55 15.79 -36.49
CA GLY A 22 -14.18 15.21 -35.31
C GLY A 22 -13.51 15.46 -33.97
N ALA A 23 -12.32 16.02 -34.00
CA ALA A 23 -11.61 16.35 -32.78
C ALA A 23 -11.05 17.76 -32.91
N GLU A 24 -10.78 18.39 -31.77
CA GLU A 24 -10.17 19.70 -31.74
C GLU A 24 -8.69 19.52 -32.07
N PRO A 25 -8.02 20.53 -32.62
CA PRO A 25 -6.61 20.36 -32.98
C PRO A 25 -5.74 20.38 -31.74
N ARG A 26 -4.56 19.77 -31.83
CA ARG A 26 -3.66 19.78 -30.69
C ARG A 26 -2.31 20.41 -31.03
N PRO A 27 -2.24 21.74 -31.17
CA PRO A 27 -0.98 22.39 -31.52
C PRO A 27 0.14 22.06 -30.52
N PRO A 28 1.30 21.68 -31.02
CA PRO A 28 2.45 21.38 -30.15
C PRO A 28 3.01 22.64 -29.50
N VAL A 29 3.71 22.44 -28.38
CA VAL A 29 4.28 23.53 -27.60
C VAL A 29 5.63 23.98 -28.14
N SER A 30 5.70 25.22 -28.56
CA SER A 30 6.95 25.77 -29.07
C SER A 30 7.91 26.12 -27.96
N GLY A 31 9.18 26.26 -28.31
CA GLY A 31 10.19 26.71 -27.37
C GLY A 31 10.62 25.72 -26.32
N THR A 32 11.32 26.20 -25.30
CA THR A 32 11.84 25.30 -24.28
C THR A 32 11.71 25.85 -22.88
N ARG A 33 11.62 24.95 -21.90
CA ARG A 33 11.59 25.36 -20.50
C ARG A 33 13.00 25.65 -20.03
N TYR A 34 14.00 25.12 -20.71
CA TYR A 34 15.37 25.30 -20.29
C TYR A 34 15.93 26.69 -20.58
N ALA A 35 16.69 27.23 -19.63
CA ALA A 35 17.37 28.50 -19.82
C ALA A 35 18.70 28.49 -19.05
N LYS A 36 19.57 29.40 -19.42
CA LYS A 36 20.92 29.41 -18.88
C LYS A 36 21.07 30.13 -17.54
N VAL A 37 21.78 29.49 -16.62
CA VAL A 37 22.08 30.12 -15.36
C VAL A 37 23.11 31.21 -15.70
N PRO A 38 22.86 32.44 -15.26
CA PRO A 38 23.76 33.55 -15.56
C PRO A 38 25.02 33.57 -14.71
N GLY A 39 26.13 33.88 -15.35
CA GLY A 39 27.41 33.99 -14.67
C GLY A 39 28.19 32.70 -14.59
N VAL A 40 27.69 31.65 -15.22
CA VAL A 40 28.38 30.37 -15.21
C VAL A 40 29.71 30.47 -15.97
N PRO A 41 30.81 30.11 -15.30
CA PRO A 41 32.14 30.08 -15.91
C PRO A 41 32.19 29.02 -17.01
N ASP A 42 33.07 29.23 -17.98
CA ASP A 42 33.13 28.36 -19.15
C ASP A 42 33.59 26.93 -18.91
N GLU A 43 34.39 26.74 -17.88
CA GLU A 43 34.91 25.42 -17.53
C GLU A 43 33.79 24.46 -17.08
N TYR A 44 32.68 25.03 -16.63
CA TYR A 44 31.54 24.22 -16.21
C TYR A 44 30.61 23.84 -17.35
N LYS A 45 30.76 24.49 -18.49
CA LYS A 45 29.88 24.23 -19.64
C LYS A 45 30.26 22.97 -20.41
N THR A 46 29.27 22.30 -20.99
CA THR A 46 29.48 21.00 -21.63
C THR A 46 29.04 20.91 -23.08
N GLY A 47 28.45 21.97 -23.62
CA GLY A 47 28.05 21.96 -25.00
C GLY A 47 26.65 21.47 -25.33
N TYR A 48 25.94 20.88 -24.37
CA TYR A 48 24.55 20.47 -24.59
C TYR A 48 23.66 21.69 -24.88
N ARG A 49 22.55 21.46 -25.56
CA ARG A 49 21.64 22.52 -25.95
C ARG A 49 20.22 21.96 -25.92
N PRO A 50 19.18 22.81 -25.82
CA PRO A 50 17.81 22.32 -25.85
C PRO A 50 17.51 21.71 -27.21
N ALA A 51 16.54 20.81 -27.26
CA ALA A 51 16.19 20.16 -28.50
C ALA A 51 15.53 21.19 -29.43
N ASN A 52 14.79 22.12 -28.85
CA ASN A 52 14.18 23.17 -29.66
C ASN A 52 15.04 24.43 -29.62
N LEU A 53 16.08 24.46 -30.46
CA LEU A 53 17.01 25.60 -30.53
C LEU A 53 16.32 26.94 -30.79
N GLY A 54 15.22 26.90 -31.55
CA GLY A 54 14.43 28.08 -31.84
C GLY A 54 15.22 28.93 -32.80
N ARG A 55 15.24 30.24 -32.53
CA ARG A 55 15.97 31.16 -33.41
C ARG A 55 17.49 31.19 -33.13
N SER A 56 17.99 30.16 -32.45
CA SER A 56 19.43 30.01 -32.19
C SER A 56 20.02 29.01 -33.18
N ASP A 57 19.15 28.44 -34.01
CA ASP A 57 19.54 27.57 -35.11
C ASP A 57 19.39 28.46 -36.33
N PRO A 58 20.51 28.72 -37.02
CA PRO A 58 20.53 29.59 -38.21
C PRO A 58 19.57 29.23 -39.36
N ASP A 59 19.25 27.95 -39.53
CA ASP A 59 18.34 27.51 -40.59
C ASP A 59 16.89 27.86 -40.25
N SER A 60 16.32 28.79 -41.00
CA SER A 60 14.94 29.28 -40.80
C SER A 60 13.88 28.21 -41.00
N ASP A 61 14.16 27.25 -41.86
CA ASP A 61 13.23 26.16 -42.15
C ASP A 61 12.99 25.24 -40.95
N LYS A 62 13.99 25.12 -40.09
CA LYS A 62 13.93 24.27 -38.90
C LYS A 62 12.88 24.71 -37.86
N SER A 63 11.62 24.79 -38.30
CA SER A 63 10.47 25.15 -37.47
C SER A 63 9.92 23.88 -36.87
N LEU A 64 9.25 24.02 -35.72
CA LEU A 64 8.62 22.89 -35.01
C LEU A 64 7.80 21.91 -35.90
N MET A 65 6.90 22.44 -36.72
CA MET A 65 6.06 21.57 -37.57
C MET A 65 6.87 20.79 -38.57
N ASN A 66 7.87 21.44 -39.18
CA ASN A 66 8.75 20.74 -40.12
C ASN A 66 9.55 19.64 -39.42
N ILE A 67 10.12 19.98 -38.27
CA ILE A 67 10.93 19.04 -37.50
C ILE A 67 10.13 17.81 -37.10
N ALA A 68 8.93 18.03 -36.58
CA ALA A 68 8.07 16.92 -36.15
C ALA A 68 7.69 16.07 -37.33
N VAL A 69 7.32 16.71 -38.44
CA VAL A 69 6.99 15.99 -39.66
C VAL A 69 8.16 15.13 -40.10
N LYS A 70 9.36 15.70 -40.15
CA LYS A 70 10.57 14.94 -40.51
C LYS A 70 10.82 13.72 -39.62
N ASN A 71 10.60 13.87 -38.31
CA ASN A 71 10.81 12.76 -37.40
C ASN A 71 9.70 11.74 -37.42
N LEU A 72 8.54 12.12 -37.92
CA LEU A 72 7.42 11.21 -38.05
C LEU A 72 7.59 10.29 -39.24
N GLN A 73 8.20 10.79 -40.33
CA GLN A 73 8.41 10.01 -41.55
C GLN A 73 8.97 8.62 -41.22
N VAL A 74 10.00 8.60 -40.38
CA VAL A 74 10.63 7.39 -39.91
C VAL A 74 9.63 6.33 -39.44
N TYR A 75 8.62 6.73 -38.67
CA TYR A 75 7.59 5.80 -38.16
C TYR A 75 6.64 5.28 -39.25
N GLN A 76 6.66 5.92 -40.42
CA GLN A 76 5.82 5.53 -41.53
C GLN A 76 6.60 4.67 -42.52
N GLN A 77 7.81 4.29 -42.14
CA GLN A 77 8.54 3.41 -43.01
C GLN A 77 8.13 2.00 -42.65
N GLU A 78 8.18 1.11 -43.64
CA GLU A 78 7.83 -0.29 -43.46
C GLU A 78 8.84 -0.91 -42.47
N PRO A 79 8.36 -1.74 -41.55
CA PRO A 79 9.24 -2.35 -40.55
C PRO A 79 10.19 -3.39 -41.13
N LYS A 80 11.31 -3.58 -40.44
CA LYS A 80 12.31 -4.56 -40.81
C LYS A 80 11.73 -5.98 -40.81
N LEU A 81 11.19 -6.41 -39.67
CA LEU A 81 10.60 -7.74 -39.54
C LEU A 81 9.12 -7.72 -39.85
N ASP A 82 8.64 -8.70 -40.59
CA ASP A 82 7.21 -8.74 -40.82
C ASP A 82 6.58 -9.72 -39.84
N LYS A 83 7.39 -10.67 -39.41
CA LYS A 83 6.95 -11.63 -38.41
C LYS A 83 8.12 -12.07 -37.57
N VAL A 84 7.79 -12.54 -36.38
CA VAL A 84 8.75 -13.02 -35.41
C VAL A 84 9.32 -14.36 -35.91
N ASP A 85 10.58 -14.66 -35.61
CA ASP A 85 11.16 -15.92 -36.05
C ASP A 85 11.23 -16.96 -34.92
N GLU A 86 12.00 -18.02 -35.14
CA GLU A 86 12.09 -19.09 -34.17
C GLU A 86 12.93 -18.77 -32.94
N PHE A 87 13.83 -17.82 -33.08
CA PHE A 87 14.72 -17.46 -31.99
C PHE A 87 14.00 -16.49 -31.07
N ILE A 88 13.23 -15.58 -31.67
CA ILE A 88 12.38 -14.68 -30.90
C ILE A 88 11.31 -15.55 -30.23
N GLU A 89 10.85 -16.60 -30.92
CA GLU A 89 9.86 -17.51 -30.31
C GLU A 89 10.44 -18.26 -29.12
N ARG A 90 11.73 -18.63 -29.21
CA ARG A 90 12.42 -19.27 -28.10
C ARG A 90 12.55 -18.32 -26.93
N ALA A 91 12.96 -17.09 -27.22
CA ALA A 91 13.07 -16.04 -26.19
C ALA A 91 11.75 -15.71 -25.53
N ALA A 92 10.64 -15.85 -26.25
CA ALA A 92 9.32 -15.53 -25.68
C ALA A 92 8.91 -16.56 -24.65
N ALA A 93 9.35 -17.80 -24.88
CA ALA A 93 9.09 -18.87 -23.94
C ALA A 93 9.84 -18.60 -22.64
N ASP A 94 11.05 -18.05 -22.73
CA ASP A 94 11.81 -17.65 -21.55
C ASP A 94 11.08 -16.61 -20.72
N VAL A 95 10.63 -15.52 -21.37
CA VAL A 95 9.94 -14.45 -20.63
C VAL A 95 8.68 -15.00 -19.98
N LEU A 96 7.92 -15.79 -20.74
CA LEU A 96 6.71 -16.40 -20.24
C LEU A 96 6.97 -17.27 -19.02
N GLY A 97 8.08 -17.99 -19.03
CA GLY A 97 8.41 -18.86 -17.91
C GLY A 97 8.89 -18.05 -16.73
N TYR A 98 9.55 -16.93 -17.02
CA TYR A 98 9.96 -16.05 -15.95
C TYR A 98 8.72 -15.46 -15.23
N LEU A 99 7.72 -15.01 -15.99
CA LEU A 99 6.55 -14.39 -15.38
C LEU A 99 5.65 -15.39 -14.68
N ARG A 100 5.49 -16.55 -15.31
CA ARG A 100 4.65 -17.59 -14.74
C ARG A 100 5.24 -18.05 -13.42
N PHE A 101 6.58 -18.12 -13.34
CA PHE A 101 7.21 -18.47 -12.08
C PHE A 101 7.15 -17.32 -11.06
N LEU A 102 7.16 -16.08 -11.53
CA LEU A 102 7.13 -14.92 -10.65
C LEU A 102 5.76 -14.84 -10.00
N THR A 103 4.72 -15.06 -10.80
CA THR A 103 3.36 -14.93 -10.34
C THR A 103 2.82 -16.18 -9.69
N LYS A 104 3.65 -17.23 -9.63
CA LYS A 104 3.26 -18.53 -9.07
C LYS A 104 2.02 -19.12 -9.73
N GLY A 105 1.84 -18.84 -11.00
CA GLY A 105 0.69 -19.33 -11.75
C GLY A 105 -0.60 -18.56 -11.55
N GLU A 106 -0.60 -17.65 -10.56
CA GLU A 106 -1.78 -16.86 -10.24
C GLU A 106 -1.89 -15.64 -11.12
N ARG A 107 -3.08 -15.39 -11.68
CA ARG A 107 -3.32 -14.24 -12.55
C ARG A 107 -3.41 -12.95 -11.75
N GLN A 108 -2.88 -11.87 -12.29
CA GLN A 108 -2.86 -10.59 -11.60
C GLN A 108 -4.16 -9.83 -11.83
N ALA A 109 -4.80 -9.46 -10.74
CA ALA A 109 -6.08 -8.80 -10.76
C ALA A 109 -6.05 -7.47 -11.48
N ASN A 110 -7.17 -7.15 -12.12
CA ASN A 110 -7.35 -5.84 -12.67
C ASN A 110 -7.59 -4.89 -11.51
N LEU A 111 -7.19 -3.65 -11.67
CA LEU A 111 -7.55 -2.66 -10.68
C LEU A 111 -8.92 -2.19 -11.08
N ASN A 112 -9.70 -1.68 -10.13
CA ASN A 112 -10.95 -1.06 -10.53
C ASN A 112 -10.58 0.37 -10.94
N PHE A 113 -11.57 1.19 -11.31
CA PHE A 113 -11.30 2.53 -11.88
C PHE A 113 -10.49 3.49 -11.01
N LYS A 114 -10.95 3.67 -9.76
CA LYS A 114 -10.32 4.57 -8.79
C LYS A 114 -8.84 4.25 -8.55
N ALA A 115 -8.52 2.97 -8.38
CA ALA A 115 -7.15 2.56 -8.17
C ALA A 115 -6.31 2.86 -9.38
N ALA A 116 -6.86 2.62 -10.56
CA ALA A 116 -6.11 2.83 -11.79
C ALA A 116 -5.83 4.30 -12.04
N PHE A 117 -6.83 5.15 -11.82
CA PHE A 117 -6.70 6.59 -12.01
C PHE A 117 -5.68 7.17 -11.04
N ASN A 118 -5.67 6.64 -9.82
CA ASN A 118 -4.72 7.02 -8.76
C ASN A 118 -3.27 6.78 -9.14
N THR A 119 -3.01 5.87 -10.08
CA THR A 119 -1.63 5.57 -10.48
C THR A 119 -1.07 6.55 -11.49
N LEU A 120 -1.96 7.33 -12.09
CA LEU A 120 -1.52 8.32 -13.07
C LEU A 120 -0.96 9.46 -12.27
N ASP A 121 0.13 10.05 -12.72
CA ASP A 121 0.66 11.16 -11.94
C ASP A 121 -0.09 12.42 -12.35
N LEU A 122 -0.28 13.30 -11.36
CA LEU A 122 -1.01 14.55 -11.50
C LEU A 122 -0.50 15.39 -12.67
N SER A 123 0.81 15.53 -12.78
CA SER A 123 1.40 16.31 -13.85
C SER A 123 1.64 15.46 -15.11
N THR A 124 0.56 15.19 -15.83
CA THR A 124 0.63 14.55 -17.13
C THR A 124 -0.44 15.22 -17.93
N SER A 125 -0.15 15.49 -19.20
CA SER A 125 -1.15 15.98 -20.14
C SER A 125 -2.19 14.86 -20.28
N CYS A 126 -3.43 15.22 -20.61
CA CYS A 126 -4.51 14.24 -20.72
C CYS A 126 -4.64 13.63 -22.10
N GLY A 127 -3.69 13.90 -22.97
CA GLY A 127 -3.79 13.38 -24.32
C GLY A 127 -4.57 14.27 -25.26
N PRO A 128 -4.72 13.79 -26.49
CA PRO A 128 -5.34 14.54 -27.58
C PRO A 128 -6.82 14.95 -27.45
N PHE A 129 -7.60 14.29 -26.58
CA PHE A 129 -9.03 14.59 -26.52
C PHE A 129 -9.44 15.51 -25.38
N VAL A 130 -8.61 15.59 -24.34
CA VAL A 130 -8.88 16.47 -23.21
C VAL A 130 -7.70 17.42 -23.04
N PRO A 131 -7.95 18.74 -23.10
CA PRO A 131 -6.91 19.76 -22.92
C PRO A 131 -6.36 19.83 -21.50
N GLY A 132 -5.18 20.42 -21.37
CA GLY A 132 -4.55 20.59 -20.08
C GLY A 132 -3.97 19.33 -19.49
N LYS A 133 -3.63 19.40 -18.21
CA LYS A 133 -3.06 18.28 -17.48
C LYS A 133 -4.12 17.60 -16.65
N LYS A 134 -3.83 16.38 -16.16
CA LYS A 134 -4.76 15.63 -15.30
C LYS A 134 -5.27 16.54 -14.21
N ILE A 135 -4.33 17.11 -13.47
CA ILE A 135 -4.58 17.99 -12.33
C ILE A 135 -5.44 19.24 -12.66
N ASP A 136 -5.53 19.61 -13.93
CA ASP A 136 -6.36 20.73 -14.34
C ASP A 136 -7.83 20.34 -14.36
N HIS A 137 -8.13 19.08 -14.08
CA HIS A 137 -9.50 18.60 -14.07
C HIS A 137 -9.88 17.89 -12.76
N VAL A 138 -8.90 17.70 -11.87
CA VAL A 138 -9.17 17.06 -10.58
C VAL A 138 -8.74 17.98 -9.42
N LYS A 139 -9.35 19.16 -9.35
CA LYS A 139 -8.99 20.16 -8.34
C LYS A 139 -9.50 19.82 -6.93
N ASP A 140 -10.75 20.19 -6.65
CA ASP A 140 -11.37 19.98 -5.33
C ASP A 140 -11.65 18.50 -5.00
N GLY A 141 -10.59 17.69 -5.03
CA GLY A 141 -10.70 16.27 -4.75
C GLY A 141 -11.37 15.42 -5.83
N VAL A 142 -12.33 15.99 -6.53
CA VAL A 142 -13.15 15.28 -7.52
C VAL A 142 -12.82 15.71 -8.96
N MET A 143 -13.15 14.84 -9.91
CA MET A 143 -12.96 15.12 -11.32
C MET A 143 -13.97 16.13 -11.81
N ASP A 144 -13.60 16.93 -12.81
CA ASP A 144 -14.54 17.88 -13.39
C ASP A 144 -15.50 17.16 -14.35
N GLN A 145 -16.28 17.90 -15.12
CA GLN A 145 -17.26 17.26 -15.99
C GLN A 145 -16.70 16.68 -17.28
N VAL A 146 -15.77 17.40 -17.90
CA VAL A 146 -15.19 16.99 -19.17
C VAL A 146 -14.37 15.71 -19.05
N LEU A 147 -13.49 15.65 -18.06
CA LEU A 147 -12.64 14.48 -17.85
C LEU A 147 -13.47 13.26 -17.49
N ALA A 148 -14.45 13.44 -16.61
CA ALA A 148 -15.32 12.33 -16.18
C ALA A 148 -16.12 11.74 -17.33
N LYS A 149 -16.64 12.61 -18.21
CA LYS A 149 -17.39 12.16 -19.40
C LYS A 149 -16.51 11.28 -20.27
N HIS A 150 -15.29 11.75 -20.52
CA HIS A 150 -14.36 11.04 -21.36
C HIS A 150 -13.91 9.73 -20.73
N LEU A 151 -13.65 9.74 -19.42
CA LEU A 151 -13.16 8.56 -18.72
C LEU A 151 -14.23 7.51 -18.50
N TYR A 152 -15.49 7.93 -18.41
CA TYR A 152 -16.59 6.98 -18.25
C TYR A 152 -16.85 6.26 -19.57
N LYS A 153 -16.71 6.98 -20.68
CA LYS A 153 -16.95 6.41 -22.00
C LYS A 153 -15.88 5.40 -22.33
N CYS A 154 -14.63 5.78 -22.09
CA CYS A 154 -13.49 4.90 -22.36
C CYS A 154 -13.60 3.63 -21.52
N TRP A 155 -13.92 3.81 -20.24
CA TRP A 155 -14.04 2.69 -19.29
C TRP A 155 -15.18 1.75 -19.67
N SER A 156 -16.30 2.33 -20.12
CA SER A 156 -17.45 1.53 -20.54
C SER A 156 -17.13 0.71 -21.77
N VAL A 157 -16.56 1.37 -22.78
CA VAL A 157 -16.17 0.69 -24.00
C VAL A 157 -15.18 -0.42 -23.68
N ALA A 158 -14.11 -0.10 -22.95
CA ALA A 158 -13.09 -1.10 -22.63
C ALA A 158 -13.61 -2.33 -21.87
N ASN A 159 -14.57 -2.12 -20.97
CA ASN A 159 -15.16 -3.23 -20.22
C ASN A 159 -16.12 -4.06 -21.05
N SER A 160 -16.42 -3.60 -22.26
CA SER A 160 -17.24 -4.37 -23.20
C SER A 160 -16.30 -5.16 -24.10
N GLY A 161 -15.01 -4.95 -23.91
CA GLY A 161 -13.99 -5.69 -24.62
C GLY A 161 -13.59 -5.16 -25.98
N LYS A 162 -14.17 -4.05 -26.39
CA LYS A 162 -13.81 -3.48 -27.67
C LYS A 162 -12.59 -2.58 -27.49
N ALA A 163 -11.73 -2.53 -28.51
CA ALA A 163 -10.52 -1.71 -28.46
C ALA A 163 -10.81 -0.23 -28.43
N LEU A 164 -9.87 0.54 -27.90
CA LEU A 164 -10.01 1.98 -27.85
C LEU A 164 -9.21 2.60 -28.99
N HIS A 165 -9.34 3.91 -29.16
CA HIS A 165 -8.55 4.61 -30.16
C HIS A 165 -7.17 4.80 -29.62
N HIS A 166 -6.21 4.17 -30.28
CA HIS A 166 -4.81 4.26 -29.91
C HIS A 166 -4.26 5.54 -30.53
N ILE A 167 -4.63 6.68 -29.93
CA ILE A 167 -4.27 8.00 -30.44
C ILE A 167 -3.47 8.80 -29.41
N TYR A 168 -2.46 9.53 -29.88
CA TYR A 168 -1.62 10.33 -29.01
C TYR A 168 -1.62 11.75 -29.51
N ALA A 169 -1.07 12.67 -28.72
CA ALA A 169 -0.91 14.05 -29.14
C ALA A 169 0.57 14.24 -29.46
N CYS A 170 0.87 14.76 -30.64
CA CYS A 170 2.25 14.90 -31.10
C CYS A 170 2.91 16.19 -30.63
N GLY A 171 4.23 16.14 -30.46
CA GLY A 171 5.01 17.30 -30.05
C GLY A 171 6.49 16.96 -29.99
N LEU A 172 7.34 17.96 -29.75
CA LEU A 172 8.76 17.68 -29.60
C LEU A 172 9.11 17.56 -28.13
N LYS A 173 9.86 16.53 -27.79
CA LYS A 173 10.34 16.35 -26.42
C LYS A 173 11.27 17.52 -26.04
N ASP A 174 11.02 18.12 -24.89
CA ASP A 174 11.80 19.26 -24.44
C ASP A 174 12.93 18.74 -23.58
N GLU A 175 14.13 18.61 -24.16
CA GLU A 175 15.24 18.03 -23.43
C GLU A 175 16.58 18.57 -23.92
N LEU A 176 17.64 18.30 -23.17
CA LEU A 176 18.97 18.75 -23.57
C LEU A 176 19.65 17.69 -24.41
N ARG A 177 20.19 18.10 -25.55
CA ARG A 177 20.82 17.21 -26.50
C ARG A 177 22.18 17.78 -26.87
N PRO A 178 23.16 16.91 -27.21
CA PRO A 178 24.47 17.38 -27.67
C PRO A 178 24.42 18.23 -28.94
N LEU A 179 25.54 18.84 -29.31
CA LEU A 179 25.56 19.74 -30.46
C LEU A 179 25.73 19.03 -31.81
N ASP A 180 24.73 18.23 -32.18
CA ASP A 180 24.74 17.51 -33.45
C ASP A 180 23.46 17.78 -34.22
N GLY A 185 19.32 15.46 -38.29
CA GLY A 185 18.48 16.19 -37.36
C GLY A 185 17.42 15.36 -36.64
N LYS A 186 17.80 14.18 -36.16
CA LYS A 186 16.85 13.37 -35.40
C LYS A 186 16.66 14.00 -34.02
N LYS A 187 15.41 14.02 -33.58
CA LYS A 187 15.02 14.62 -32.31
C LYS A 187 13.81 13.86 -31.81
N ARG A 188 13.80 13.50 -30.54
CA ARG A 188 12.70 12.71 -29.98
C ARG A 188 11.34 13.39 -29.99
N LEU A 189 10.33 12.65 -30.41
CA LEU A 189 8.99 13.18 -30.43
C LEU A 189 8.25 12.88 -29.13
N LEU A 190 7.23 13.68 -28.85
CA LEU A 190 6.36 13.46 -27.69
C LEU A 190 5.13 12.69 -28.11
N TRP A 191 4.85 11.59 -27.43
CA TRP A 191 3.66 10.81 -27.69
C TRP A 191 2.78 10.96 -26.46
N GLY A 192 1.99 12.01 -26.40
CA GLY A 192 1.15 12.24 -25.24
C GLY A 192 -0.10 11.40 -25.27
N CYS A 193 -0.09 10.35 -24.46
CA CYS A 193 -1.18 9.37 -24.37
C CYS A 193 -2.56 9.87 -23.96
N ASP A 194 -3.59 9.31 -24.57
CA ASP A 194 -4.97 9.62 -24.21
C ASP A 194 -5.17 9.08 -22.83
N VAL A 195 -5.73 9.92 -21.96
CA VAL A 195 -5.95 9.57 -20.54
C VAL A 195 -6.82 8.31 -20.37
N GLY A 196 -7.73 8.08 -21.31
CA GLY A 196 -8.59 6.91 -21.27
C GLY A 196 -7.87 5.62 -21.52
N VAL A 197 -6.90 5.65 -22.43
CA VAL A 197 -6.06 4.48 -22.71
C VAL A 197 -5.19 4.24 -21.49
N ALA A 198 -4.69 5.32 -20.91
CA ALA A 198 -3.86 5.30 -19.72
C ALA A 198 -4.51 4.69 -18.48
N VAL A 199 -5.75 5.06 -18.17
CA VAL A 199 -6.47 4.48 -17.03
C VAL A 199 -6.75 3.00 -17.26
N CYS A 200 -7.21 2.68 -18.47
CA CYS A 200 -7.55 1.30 -18.78
C CYS A 200 -6.33 0.42 -18.77
N ALA A 201 -5.22 0.90 -19.31
CA ALA A 201 -4.02 0.09 -19.29
C ALA A 201 -3.47 -0.04 -17.89
N ALA A 202 -3.56 1.03 -17.09
CA ALA A 202 -3.15 0.96 -15.69
C ALA A 202 -3.95 -0.08 -14.92
N ALA A 203 -5.24 -0.21 -15.22
CA ALA A 203 -6.07 -1.20 -14.54
C ALA A 203 -5.61 -2.60 -14.84
N VAL A 204 -5.11 -2.80 -16.06
CA VAL A 204 -4.71 -4.12 -16.53
C VAL A 204 -3.28 -4.49 -16.21
N PHE A 205 -2.37 -3.52 -16.28
CA PHE A 205 -0.95 -3.84 -16.12
C PHE A 205 -0.27 -3.39 -14.84
N HIS A 206 -0.93 -2.63 -13.98
CA HIS A 206 -0.24 -2.16 -12.78
C HIS A 206 0.19 -3.24 -11.78
N ASN A 207 -0.69 -4.17 -11.42
CA ASN A 207 -0.33 -5.28 -10.52
C ASN A 207 0.87 -6.13 -10.97
N ILE A 208 0.88 -6.61 -12.22
CA ILE A 208 2.04 -7.37 -12.70
C ILE A 208 3.32 -6.50 -12.72
N CYS A 209 3.17 -5.21 -12.99
CA CYS A 209 4.32 -4.34 -13.08
C CYS A 209 4.79 -3.90 -11.70
N TYR A 210 3.91 -3.99 -10.72
CA TYR A 210 4.29 -3.67 -9.36
C TYR A 210 5.17 -4.80 -8.90
N LYS A 211 4.75 -6.02 -9.25
CA LYS A 211 5.46 -7.23 -8.87
C LYS A 211 6.83 -7.29 -9.54
N LEU A 212 6.91 -6.76 -10.76
CA LEU A 212 8.16 -6.71 -11.50
C LEU A 212 9.11 -5.72 -10.87
N LYS A 213 8.58 -4.58 -10.43
CA LYS A 213 9.39 -3.53 -9.81
C LYS A 213 10.08 -3.97 -8.49
N MET A 214 9.42 -4.85 -7.73
CA MET A 214 10.00 -5.38 -6.50
C MET A 214 11.18 -6.28 -6.77
N VAL A 215 11.21 -6.81 -7.98
CA VAL A 215 12.11 -7.91 -8.27
C VAL A 215 13.10 -7.44 -9.32
N ALA A 216 13.05 -6.12 -9.55
CA ALA A 216 13.92 -5.44 -10.52
C ALA A 216 15.40 -5.63 -10.31
N ARG A 217 15.87 -5.70 -9.06
CA ARG A 217 17.30 -5.85 -8.81
C ARG A 217 17.86 -7.14 -9.39
N PHE A 218 17.01 -8.15 -9.51
CA PHE A 218 17.41 -9.44 -10.04
C PHE A 218 17.28 -9.43 -11.56
N GLY A 219 16.36 -8.62 -12.08
CA GLY A 219 16.16 -8.52 -13.51
C GLY A 219 15.67 -9.79 -14.19
N PRO A 220 15.79 -9.89 -15.51
CA PRO A 220 16.35 -8.87 -16.43
C PRO A 220 15.70 -7.49 -16.53
N ILE A 221 14.40 -7.37 -16.31
CA ILE A 221 13.78 -6.05 -16.42
C ILE A 221 14.14 -5.16 -15.23
N ALA A 222 14.96 -4.15 -15.50
CA ALA A 222 15.45 -3.23 -14.49
C ALA A 222 14.52 -2.09 -14.07
N VAL A 223 13.38 -1.92 -14.73
CA VAL A 223 12.48 -0.83 -14.37
C VAL A 223 12.08 -0.92 -12.90
N GLY A 224 12.40 0.13 -12.16
CA GLY A 224 12.08 0.23 -10.74
C GLY A 224 13.31 0.18 -9.84
N VAL A 225 14.45 -0.18 -10.44
CA VAL A 225 15.71 -0.32 -9.73
C VAL A 225 16.16 1.02 -9.12
N ASP A 226 16.92 0.96 -8.04
CA ASP A 226 17.39 2.18 -7.38
C ASP A 226 18.89 2.20 -7.47
N MET A 227 19.41 3.00 -8.39
CA MET A 227 20.85 3.04 -8.64
C MET A 227 21.70 3.67 -7.55
N THR A 228 21.09 3.95 -6.42
CA THR A 228 21.75 4.62 -5.33
C THR A 228 21.83 3.66 -4.15
N SER A 229 21.30 2.45 -4.34
CA SER A 229 21.16 1.50 -3.25
C SER A 229 21.89 0.16 -3.43
N ARG A 230 21.50 -0.81 -2.60
CA ARG A 230 22.06 -2.17 -2.64
C ARG A 230 21.69 -2.87 -3.93
N ASP A 231 20.65 -2.37 -4.61
CA ASP A 231 20.25 -2.84 -5.92
C ASP A 231 21.45 -3.01 -6.83
N VAL A 232 22.32 -2.00 -6.84
CA VAL A 232 23.55 -2.02 -7.64
C VAL A 232 24.42 -3.24 -7.36
N ASP A 233 24.57 -3.60 -6.09
CA ASP A 233 25.36 -4.77 -5.72
C ASP A 233 24.76 -6.05 -6.26
N VAL A 234 23.44 -6.19 -6.15
CA VAL A 234 22.84 -7.41 -6.66
C VAL A 234 22.85 -7.45 -8.19
N ILE A 235 22.81 -6.28 -8.83
CA ILE A 235 22.96 -6.20 -10.28
C ILE A 235 24.35 -6.67 -10.73
N ILE A 236 25.39 -6.18 -10.04
CA ILE A 236 26.74 -6.53 -10.43
C ILE A 236 27.16 -7.96 -10.07
N ASN A 237 26.85 -8.40 -8.85
CA ASN A 237 27.17 -9.76 -8.42
C ASN A 237 26.54 -10.77 -9.39
N ASN A 238 25.31 -10.48 -9.80
CA ASN A 238 24.57 -11.31 -10.74
C ASN A 238 25.24 -11.41 -12.10
N LEU A 239 25.78 -10.30 -12.58
CA LEU A 239 26.49 -10.28 -13.85
C LEU A 239 27.73 -11.15 -13.79
N THR A 240 28.48 -11.05 -12.69
CA THR A 240 29.70 -11.83 -12.52
C THR A 240 29.46 -13.23 -11.93
N SER A 241 28.21 -13.62 -11.75
CA SER A 241 27.91 -14.93 -11.19
C SER A 241 28.15 -16.04 -12.21
N LYS A 242 28.06 -15.70 -13.49
CA LYS A 242 28.27 -16.70 -14.55
C LYS A 242 29.37 -16.38 -15.55
N ALA A 243 29.87 -15.14 -15.55
CA ALA A 243 30.88 -14.73 -16.53
C ALA A 243 31.89 -13.72 -16.01
N SER A 244 32.95 -13.50 -16.78
CA SER A 244 33.94 -12.50 -16.42
C SER A 244 34.18 -11.51 -17.57
N ASP A 245 33.31 -11.59 -18.57
CA ASP A 245 33.31 -10.66 -19.69
C ASP A 245 31.90 -10.14 -19.84
N PHE A 246 31.76 -8.91 -20.30
CA PHE A 246 30.45 -8.26 -20.35
C PHE A 246 30.25 -7.44 -21.62
N LEU A 247 29.02 -7.01 -21.87
CA LEU A 247 28.75 -6.15 -23.01
C LEU A 247 27.83 -5.05 -22.53
N CYS A 248 28.12 -3.83 -22.98
CA CYS A 248 27.34 -2.67 -22.63
C CYS A 248 26.86 -1.99 -23.93
N LEU A 249 25.56 -2.05 -24.16
CA LEU A 249 25.01 -1.49 -25.39
C LEU A 249 23.99 -0.40 -25.17
N ASP A 250 23.86 0.44 -26.18
CA ASP A 250 22.80 1.43 -26.30
C ASP A 250 22.33 1.34 -27.75
N TYR A 251 21.14 1.84 -28.04
CA TYR A 251 20.63 1.72 -29.41
C TYR A 251 20.16 3.07 -29.93
N SER A 252 20.50 3.36 -31.18
CA SER A 252 20.05 4.56 -31.83
C SER A 252 18.74 4.22 -32.48
N LYS A 253 17.89 5.23 -32.65
CA LYS A 253 16.55 5.14 -33.21
C LYS A 253 15.69 3.95 -32.80
N TRP A 254 15.79 3.54 -31.54
CA TRP A 254 15.09 2.34 -31.04
C TRP A 254 13.57 2.42 -31.17
N ASP A 255 12.95 3.32 -30.41
CA ASP A 255 11.51 3.56 -30.47
C ASP A 255 11.04 3.59 -31.90
N SER A 256 11.57 4.53 -32.66
CA SER A 256 11.19 4.80 -34.04
C SER A 256 11.32 3.68 -35.08
N THR A 257 11.96 2.56 -34.74
CA THR A 257 12.17 1.52 -35.72
C THR A 257 11.65 0.17 -35.27
N MET A 258 11.19 0.09 -34.02
CA MET A 258 10.67 -1.17 -33.51
C MET A 258 9.60 -1.80 -34.41
N SER A 259 9.72 -3.10 -34.62
CA SER A 259 8.77 -3.79 -35.48
C SER A 259 7.49 -4.14 -34.72
N PRO A 260 6.33 -3.89 -35.32
CA PRO A 260 5.03 -4.28 -34.75
C PRO A 260 4.95 -5.72 -34.23
N CYS A 261 5.46 -6.69 -34.97
CA CYS A 261 5.41 -8.07 -34.54
C CYS A 261 6.12 -8.28 -33.22
N VAL A 262 7.23 -7.58 -33.00
CA VAL A 262 7.91 -7.66 -31.70
C VAL A 262 7.08 -6.99 -30.59
N VAL A 263 6.68 -5.73 -30.81
CA VAL A 263 5.83 -5.00 -29.86
C VAL A 263 4.59 -5.80 -29.51
N ARG A 264 3.90 -6.30 -30.54
CA ARG A 264 2.74 -7.14 -30.31
C ARG A 264 3.04 -8.37 -29.44
N LEU A 265 4.18 -9.01 -29.67
CA LEU A 265 4.54 -10.18 -28.87
C LEU A 265 4.82 -9.80 -27.40
N ALA A 266 5.54 -8.70 -27.21
CA ALA A 266 5.78 -8.16 -25.88
C ALA A 266 4.45 -7.94 -25.11
N ILE A 267 3.50 -7.26 -25.73
CA ILE A 267 2.20 -7.03 -25.12
C ILE A 267 1.46 -8.33 -24.77
N ASP A 268 1.46 -9.31 -25.69
CA ASP A 268 0.82 -10.63 -25.43
C ASP A 268 1.49 -11.32 -24.24
N ILE A 269 2.82 -11.24 -24.16
CA ILE A 269 3.57 -11.84 -23.08
C ILE A 269 3.23 -11.20 -21.72
N LEU A 270 3.17 -9.87 -21.69
CA LEU A 270 2.89 -9.16 -20.45
C LEU A 270 1.44 -9.35 -19.98
N ALA A 271 0.55 -9.68 -20.91
CA ALA A 271 -0.85 -9.84 -20.52
C ALA A 271 -1.17 -11.28 -20.17
N ASP A 272 -0.23 -12.17 -20.47
CA ASP A 272 -0.41 -13.61 -20.26
C ASP A 272 -0.78 -13.97 -18.84
N CYS A 273 -0.15 -13.34 -17.87
CA CYS A 273 -0.46 -13.61 -16.48
C CYS A 273 -1.40 -12.56 -15.88
N CYS A 274 -2.13 -11.84 -16.74
CA CYS A 274 -3.11 -10.89 -16.23
C CYS A 274 -4.46 -11.57 -16.15
N GLU A 275 -5.35 -11.03 -15.31
CA GLU A 275 -6.70 -11.53 -15.20
C GLU A 275 -7.30 -11.43 -16.58
N GLN A 276 -7.94 -12.50 -17.02
CA GLN A 276 -8.47 -12.55 -18.38
C GLN A 276 -9.89 -12.00 -18.49
N THR A 277 -10.04 -10.70 -18.29
CA THR A 277 -11.34 -10.04 -18.42
C THR A 277 -11.42 -9.34 -19.75
N GLU A 278 -12.60 -8.79 -20.02
CA GLU A 278 -12.87 -8.03 -21.24
C GLU A 278 -12.03 -6.76 -21.32
N LEU A 279 -11.78 -6.16 -20.16
CA LEU A 279 -10.95 -4.96 -20.06
C LEU A 279 -9.55 -5.27 -20.52
N THR A 280 -9.01 -6.40 -20.07
CA THR A 280 -7.67 -6.81 -20.52
C THR A 280 -7.68 -7.05 -22.01
N LYS A 281 -8.70 -7.77 -22.49
CA LYS A 281 -8.90 -8.03 -23.92
C LYS A 281 -8.84 -6.71 -24.70
N SER A 282 -9.55 -5.71 -24.22
CA SER A 282 -9.56 -4.38 -24.84
C SER A 282 -8.23 -3.67 -24.82
N VAL A 283 -7.52 -3.74 -23.71
CA VAL A 283 -6.25 -3.06 -23.58
C VAL A 283 -5.20 -3.66 -24.49
N VAL A 284 -5.18 -4.99 -24.55
CA VAL A 284 -4.28 -5.73 -25.42
C VAL A 284 -4.53 -5.35 -26.88
N LEU A 285 -5.78 -5.40 -27.30
CA LEU A 285 -6.22 -5.01 -28.65
C LEU A 285 -5.90 -3.54 -28.99
N THR A 286 -5.94 -2.66 -27.99
CA THR A 286 -5.70 -1.25 -28.21
C THR A 286 -4.24 -0.97 -28.44
N LEU A 287 -3.40 -1.39 -27.50
CA LEU A 287 -1.96 -1.17 -27.59
C LEU A 287 -1.25 -1.95 -28.68
N LYS A 288 -1.93 -2.95 -29.27
CA LYS A 288 -1.34 -3.76 -30.32
C LYS A 288 -1.57 -3.14 -31.69
N SER A 289 -2.47 -2.18 -31.74
CA SER A 289 -2.85 -1.60 -33.01
C SER A 289 -1.87 -0.51 -33.37
N HIS A 290 -1.66 -0.30 -34.67
CA HIS A 290 -0.80 0.76 -35.20
C HIS A 290 -1.23 2.10 -34.64
N PRO A 291 -0.37 2.71 -33.82
CA PRO A 291 -0.71 3.95 -33.13
C PRO A 291 -0.77 5.14 -34.05
N MET A 292 -1.69 6.05 -33.75
CA MET A 292 -1.79 7.29 -34.51
C MET A 292 -1.49 8.45 -33.60
N THR A 293 -1.15 9.58 -34.21
CA THR A 293 -0.89 10.78 -33.44
C THR A 293 -1.40 12.05 -34.12
N ILE A 294 -1.84 13.01 -33.31
CA ILE A 294 -2.35 14.26 -33.85
C ILE A 294 -1.33 15.39 -33.74
N LEU A 295 -0.79 15.83 -34.87
CA LEU A 295 0.19 16.90 -34.85
C LEU A 295 -0.49 18.23 -34.55
N ASP A 296 -1.12 18.89 -35.51
CA ASP A 296 -1.90 20.07 -35.10
C ASP A 296 -3.32 19.79 -35.54
N ALA A 297 -3.65 20.20 -36.75
CA ALA A 297 -4.93 19.89 -37.33
C ALA A 297 -4.73 18.68 -38.22
N MET A 298 -3.67 17.92 -37.96
CA MET A 298 -3.38 16.75 -38.77
C MET A 298 -3.21 15.48 -37.93
N ILE A 299 -3.73 14.38 -38.45
CA ILE A 299 -3.61 13.12 -37.76
C ILE A 299 -2.72 12.22 -38.62
N VAL A 300 -1.76 11.57 -37.97
CA VAL A 300 -0.75 10.77 -38.64
C VAL A 300 -0.73 9.32 -38.16
N GLN A 301 -0.80 8.40 -39.10
CA GLN A 301 -0.84 6.96 -38.90
C GLN A 301 0.59 6.39 -38.96
N THR A 302 0.87 5.28 -38.26
CA THR A 302 2.23 4.70 -38.30
C THR A 302 2.29 3.29 -38.86
N LYS A 303 3.51 2.84 -39.17
CA LYS A 303 3.72 1.50 -39.70
C LYS A 303 4.77 0.68 -38.92
N ARG A 304 5.44 1.33 -37.98
CA ARG A 304 6.48 0.71 -37.17
C ARG A 304 6.73 1.58 -35.93
N GLY A 305 7.36 1.02 -34.91
CA GLY A 305 7.73 1.84 -33.78
C GLY A 305 6.91 1.64 -32.54
N LEU A 306 7.45 2.09 -31.41
CA LEU A 306 6.79 2.00 -30.12
C LEU A 306 6.77 3.43 -29.57
N PRO A 307 5.59 3.99 -29.39
CA PRO A 307 5.46 5.34 -28.83
C PRO A 307 6.00 5.37 -27.43
N SER A 308 6.92 6.28 -27.13
CA SER A 308 7.52 6.38 -25.80
C SER A 308 6.58 6.90 -24.73
N GLY A 309 5.32 7.12 -25.08
CA GLY A 309 4.32 7.53 -24.13
C GLY A 309 3.24 6.48 -24.02
N MET A 310 3.48 5.31 -24.59
CA MET A 310 2.57 4.19 -24.41
C MET A 310 2.58 3.84 -22.93
N PRO A 311 1.41 3.62 -22.34
CA PRO A 311 1.34 3.17 -20.95
C PRO A 311 2.28 1.98 -20.80
N PHE A 312 3.18 2.06 -19.83
CA PHE A 312 4.13 0.99 -19.51
C PHE A 312 5.17 0.76 -20.61
N THR A 313 5.54 1.86 -21.31
CA THR A 313 6.58 1.87 -22.34
C THR A 313 7.78 1.12 -21.86
N SER A 314 8.32 1.53 -20.72
CA SER A 314 9.56 0.98 -20.20
C SER A 314 9.63 -0.53 -20.06
N VAL A 315 8.57 -1.13 -19.51
CA VAL A 315 8.51 -2.56 -19.32
C VAL A 315 8.33 -3.28 -20.65
N ILE A 316 7.42 -2.76 -21.49
CA ILE A 316 7.12 -3.39 -22.78
C ILE A 316 8.33 -3.29 -23.68
N ASN A 317 9.01 -2.15 -23.60
CA ASN A 317 10.25 -1.93 -24.34
C ASN A 317 11.31 -2.88 -23.83
N SER A 318 11.27 -3.14 -22.53
CA SER A 318 12.25 -4.01 -21.91
C SER A 318 12.01 -5.46 -22.29
N ILE A 319 10.77 -5.82 -22.54
CA ILE A 319 10.52 -7.17 -23.01
C ILE A 319 11.04 -7.28 -24.46
N CYS A 320 10.80 -6.27 -25.29
CA CYS A 320 11.31 -6.25 -26.65
C CYS A 320 12.82 -6.48 -26.69
N HIS A 321 13.53 -5.75 -25.86
CA HIS A 321 14.97 -5.87 -25.73
C HIS A 321 15.37 -7.31 -25.34
N TRP A 322 14.71 -7.85 -24.32
CA TRP A 322 14.95 -9.21 -23.86
C TRP A 322 14.75 -10.16 -25.04
N LEU A 323 13.63 -10.03 -25.74
CA LEU A 323 13.35 -10.85 -26.89
C LEU A 323 14.44 -10.75 -27.95
N LEU A 324 14.79 -9.52 -28.35
CA LEU A 324 15.77 -9.33 -29.42
C LEU A 324 17.21 -9.66 -29.06
N TRP A 325 17.63 -9.30 -27.86
CA TRP A 325 18.97 -9.66 -27.42
C TRP A 325 19.08 -11.17 -27.33
N SER A 326 18.10 -11.82 -26.70
CA SER A 326 18.14 -13.28 -26.58
C SER A 326 18.01 -14.03 -27.92
N ALA A 327 17.28 -13.48 -28.87
CA ALA A 327 17.16 -14.13 -30.16
C ALA A 327 18.47 -14.03 -30.92
N ALA A 328 19.09 -12.85 -30.91
CA ALA A 328 20.36 -12.63 -31.61
C ALA A 328 21.46 -13.60 -31.20
N VAL A 329 21.53 -13.90 -29.92
CA VAL A 329 22.50 -14.87 -29.42
C VAL A 329 22.11 -16.27 -29.89
N TYR A 330 20.82 -16.60 -29.74
CA TYR A 330 20.28 -17.91 -30.12
C TYR A 330 20.51 -18.20 -31.60
N LYS A 331 20.33 -17.18 -32.43
CA LYS A 331 20.53 -17.29 -33.87
C LYS A 331 22.00 -17.52 -34.17
N SER A 332 22.86 -16.81 -33.45
CA SER A 332 24.30 -16.94 -33.63
C SER A 332 24.80 -18.30 -33.17
N CYS A 333 24.11 -18.91 -32.22
CA CYS A 333 24.49 -20.25 -31.78
C CYS A 333 24.06 -21.26 -32.83
N ALA A 334 22.87 -21.07 -33.37
CA ALA A 334 22.35 -21.95 -34.42
C ALA A 334 23.25 -22.02 -35.67
N GLU A 335 23.80 -20.88 -36.09
CA GLU A 335 24.68 -20.82 -37.27
C GLU A 335 26.00 -21.61 -37.06
N ILE A 336 26.46 -21.69 -35.80
CA ILE A 336 27.70 -22.36 -35.45
C ILE A 336 27.42 -23.83 -35.10
N GLY A 337 26.15 -24.20 -35.17
CA GLY A 337 25.73 -25.58 -34.92
C GLY A 337 25.36 -25.87 -33.48
N LEU A 338 25.24 -24.83 -32.66
CA LEU A 338 24.91 -25.02 -31.25
C LEU A 338 23.47 -24.68 -30.92
N HIS A 339 22.90 -25.38 -29.97
CA HIS A 339 21.58 -25.00 -29.50
C HIS A 339 21.80 -24.28 -28.19
N CYS A 340 21.42 -23.00 -28.17
CA CYS A 340 21.54 -22.20 -26.97
C CYS A 340 20.16 -22.02 -26.38
N SER A 341 20.11 -21.89 -25.06
CA SER A 341 18.85 -21.75 -24.36
C SER A 341 19.03 -21.06 -23.02
N ASN A 342 17.90 -20.57 -22.50
CA ASN A 342 17.81 -19.99 -21.16
C ASN A 342 18.82 -18.90 -20.84
N LEU A 343 19.06 -18.06 -21.84
CA LEU A 343 20.08 -17.02 -21.78
C LEU A 343 20.05 -16.22 -20.49
N TYR A 344 18.88 -15.72 -20.11
CA TYR A 344 18.74 -14.89 -18.91
C TYR A 344 19.21 -15.55 -17.62
N GLU A 345 19.09 -16.87 -17.55
CA GLU A 345 19.60 -17.65 -16.42
C GLU A 345 21.10 -17.91 -16.60
N ASP A 346 21.47 -18.55 -17.72
CA ASP A 346 22.87 -18.93 -18.02
C ASP A 346 23.85 -17.77 -18.21
N ALA A 347 23.37 -16.65 -18.72
CA ALA A 347 24.20 -15.46 -18.86
C ALA A 347 23.34 -14.26 -18.46
N PRO A 348 23.21 -14.00 -17.16
CA PRO A 348 22.33 -12.94 -16.66
C PRO A 348 22.52 -11.62 -17.37
N PHE A 349 21.42 -10.97 -17.73
CA PHE A 349 21.50 -9.68 -18.37
C PHE A 349 20.44 -8.79 -17.83
N TYR A 350 20.62 -7.50 -18.04
CA TYR A 350 19.65 -6.53 -17.59
C TYR A 350 19.24 -5.64 -18.73
N THR A 351 18.05 -5.11 -18.61
CA THR A 351 17.44 -4.40 -19.69
C THR A 351 16.52 -3.29 -19.12
N TYR A 352 16.62 -2.10 -19.67
CA TYR A 352 15.81 -0.96 -19.27
C TYR A 352 15.56 -0.14 -20.53
N GLY A 353 14.50 -0.47 -21.27
CA GLY A 353 14.23 0.19 -22.53
C GLY A 353 15.31 -0.17 -23.54
N ASP A 354 15.91 0.84 -24.16
CA ASP A 354 16.97 0.58 -25.14
C ASP A 354 18.34 0.38 -24.48
N ASP A 355 18.38 0.40 -23.16
CA ASP A 355 19.64 0.33 -22.46
C ASP A 355 19.81 -1.07 -21.88
N GLY A 356 20.97 -1.67 -22.12
CA GLY A 356 21.20 -3.01 -21.62
C GLY A 356 22.62 -3.27 -21.18
N VAL A 357 22.79 -4.24 -20.30
CA VAL A 357 24.13 -4.70 -19.91
C VAL A 357 24.07 -6.22 -19.81
N TYR A 358 24.96 -6.89 -20.53
CA TYR A 358 24.88 -8.34 -20.62
C TYR A 358 26.15 -9.06 -20.22
N ALA A 359 26.02 -10.21 -19.56
CA ALA A 359 27.18 -11.02 -19.26
C ALA A 359 27.57 -11.75 -20.54
N MET A 360 28.86 -11.84 -20.80
CA MET A 360 29.34 -12.52 -21.99
C MET A 360 30.11 -13.78 -21.64
N THR A 361 29.56 -14.91 -22.05
CA THR A 361 30.18 -16.22 -21.87
C THR A 361 31.29 -16.33 -22.93
N PRO A 362 32.38 -17.08 -22.68
CA PRO A 362 33.45 -17.23 -23.68
C PRO A 362 32.95 -17.49 -25.10
N MET A 363 31.96 -18.36 -25.23
CA MET A 363 31.30 -18.67 -26.49
C MET A 363 30.61 -17.43 -27.06
N MET A 364 29.96 -16.65 -26.21
CA MET A 364 29.31 -15.41 -26.65
C MET A 364 30.31 -14.34 -27.09
N VAL A 365 31.45 -14.24 -26.39
CA VAL A 365 32.53 -13.31 -26.79
C VAL A 365 33.01 -13.70 -28.19
N SER A 366 33.16 -15.00 -28.42
CA SER A 366 33.56 -15.51 -29.73
C SER A 366 32.50 -15.26 -30.80
N LEU A 367 31.24 -15.20 -30.38
CA LEU A 367 30.15 -14.97 -31.30
C LEU A 367 29.78 -13.51 -31.44
N LEU A 368 30.52 -12.62 -30.79
CA LEU A 368 30.20 -11.18 -30.80
C LEU A 368 29.93 -10.52 -32.18
N PRO A 369 30.80 -10.70 -33.18
CA PRO A 369 30.48 -10.14 -34.51
C PRO A 369 29.16 -10.66 -35.07
N ALA A 370 28.91 -11.96 -35.00
CA ALA A 370 27.64 -12.52 -35.49
C ALA A 370 26.41 -12.05 -34.71
N ILE A 371 26.58 -11.79 -33.41
CA ILE A 371 25.48 -11.30 -32.58
C ILE A 371 25.08 -9.86 -32.95
N ILE A 372 26.06 -8.99 -33.16
CA ILE A 372 25.79 -7.60 -33.54
C ILE A 372 25.08 -7.56 -34.90
N GLU A 373 25.49 -8.46 -35.79
CA GLU A 373 24.90 -8.52 -37.13
C GLU A 373 23.47 -9.08 -37.09
N ASN A 374 23.24 -9.97 -36.13
CA ASN A 374 21.91 -10.52 -35.95
C ASN A 374 21.02 -9.50 -35.30
N LEU A 375 21.63 -8.58 -34.54
CA LEU A 375 20.90 -7.47 -33.98
C LEU A 375 20.54 -6.53 -35.13
N ARG A 376 21.48 -6.32 -36.04
CA ARG A 376 21.23 -5.47 -37.21
C ARG A 376 20.12 -6.05 -38.08
N ASP A 377 20.14 -7.36 -38.28
CA ASP A 377 19.15 -8.02 -39.12
C ASP A 377 17.73 -8.04 -38.51
N TYR A 378 17.59 -7.72 -37.22
CA TYR A 378 16.29 -7.56 -36.57
C TYR A 378 15.87 -6.08 -36.59
N GLY A 379 16.64 -5.25 -37.30
CA GLY A 379 16.32 -3.84 -37.44
C GLY A 379 16.92 -2.87 -36.44
N LEU A 380 17.62 -3.38 -35.44
CA LEU A 380 18.19 -2.52 -34.41
C LEU A 380 19.48 -1.89 -34.86
N SER A 381 19.89 -0.82 -34.18
CA SER A 381 21.15 -0.17 -34.50
C SER A 381 22.00 -0.07 -33.26
N PRO A 382 22.69 -1.15 -32.89
CA PRO A 382 23.49 -1.17 -31.67
C PRO A 382 24.69 -0.25 -31.79
N THR A 383 25.10 0.27 -30.64
CA THR A 383 26.25 1.14 -30.52
C THR A 383 26.80 0.82 -29.14
N ALA A 384 28.11 1.04 -28.95
CA ALA A 384 28.75 0.85 -27.68
C ALA A 384 28.19 1.86 -26.68
N ALA A 385 28.06 1.43 -25.43
CA ALA A 385 27.61 2.33 -24.38
C ALA A 385 28.67 3.40 -24.21
N ASP A 386 29.94 3.00 -24.07
CA ASP A 386 31.01 4.00 -23.96
C ASP A 386 31.13 4.77 -25.29
N LYS A 387 30.23 5.73 -25.47
CA LYS A 387 30.01 6.53 -26.70
C LYS A 387 31.23 7.08 -27.47
N THR A 388 32.39 6.46 -27.25
CA THR A 388 33.66 6.89 -27.83
C THR A 388 34.25 5.76 -28.70
N GLU A 389 34.24 4.54 -28.17
CA GLU A 389 34.82 3.42 -28.89
C GLU A 389 33.79 2.62 -29.67
N PHE A 390 34.30 1.66 -30.45
CA PHE A 390 33.49 0.73 -31.23
C PHE A 390 32.87 -0.29 -30.26
N ILE A 391 32.00 -1.16 -30.76
CA ILE A 391 31.43 -2.17 -29.88
C ILE A 391 32.44 -3.27 -29.59
N ASP A 392 32.77 -3.46 -28.32
CA ASP A 392 33.65 -4.54 -27.91
C ASP A 392 33.22 -4.98 -26.53
N VAL A 393 33.88 -6.00 -26.00
CA VAL A 393 33.57 -6.42 -24.64
C VAL A 393 34.24 -5.42 -23.70
N CYS A 394 33.59 -5.15 -22.58
CA CYS A 394 34.20 -4.27 -21.61
C CYS A 394 34.20 -4.96 -20.25
N PRO A 395 35.36 -4.98 -19.60
CA PRO A 395 35.56 -5.63 -18.30
C PRO A 395 34.73 -5.06 -17.17
N LEU A 396 34.83 -5.72 -16.01
CA LEU A 396 34.10 -5.36 -14.79
C LEU A 396 34.28 -3.89 -14.41
N ASN A 397 35.53 -3.45 -14.36
CA ASN A 397 35.84 -2.08 -13.98
C ASN A 397 35.64 -1.07 -15.11
N LYS A 398 34.70 -1.36 -16.00
CA LYS A 398 34.47 -0.53 -17.17
C LYS A 398 33.01 -0.53 -17.57
N ILE A 399 32.21 -1.39 -16.92
CA ILE A 399 30.80 -1.52 -17.29
C ILE A 399 30.00 -0.24 -17.12
N SER A 400 29.03 -0.07 -18.01
CA SER A 400 28.21 1.12 -18.02
C SER A 400 26.77 0.72 -18.22
N PHE A 401 25.90 1.29 -17.39
CA PHE A 401 24.47 1.01 -17.41
C PHE A 401 23.72 2.20 -16.84
N LEU A 402 22.64 2.58 -17.52
CA LEU A 402 21.80 3.72 -17.15
C LEU A 402 22.59 4.98 -16.87
N LYS A 403 23.46 5.35 -17.81
CA LYS A 403 24.29 6.55 -17.76
C LYS A 403 25.20 6.59 -16.54
N ARG A 404 25.47 5.42 -15.95
CA ARG A 404 26.24 5.36 -14.73
C ARG A 404 27.35 4.33 -14.82
N THR A 405 28.53 4.69 -14.30
CA THR A 405 29.65 3.78 -14.21
C THR A 405 29.74 3.33 -12.75
N PHE A 406 30.61 2.35 -12.46
CA PHE A 406 30.62 1.77 -11.11
C PHE A 406 32.02 1.67 -10.47
N GLU A 407 32.04 1.54 -9.15
CA GLU A 407 33.28 1.52 -8.38
C GLU A 407 33.09 0.75 -7.07
N LEU A 408 33.94 -0.23 -6.82
CA LEU A 408 33.83 -1.06 -5.61
C LEU A 408 34.41 -0.37 -4.38
N THR A 409 33.52 0.01 -3.45
CA THR A 409 33.86 0.77 -2.26
C THR A 409 33.71 -0.11 -1.01
N ASP A 410 34.03 0.44 0.16
CA ASP A 410 33.87 -0.28 1.44
C ASP A 410 32.41 -0.36 1.83
N ILE A 411 31.60 0.50 1.22
CA ILE A 411 30.15 0.52 1.40
C ILE A 411 29.48 -0.21 0.19
N GLY A 412 30.09 -1.31 -0.23
CA GLY A 412 29.62 -2.08 -1.37
C GLY A 412 29.89 -1.40 -2.70
N TRP A 413 29.09 -1.69 -3.72
CA TRP A 413 29.25 -1.03 -5.02
C TRP A 413 28.61 0.37 -5.03
N VAL A 414 29.12 1.27 -5.85
CA VAL A 414 28.69 2.66 -5.87
C VAL A 414 28.55 3.18 -7.30
N SER A 415 27.45 3.86 -7.61
CA SER A 415 27.25 4.35 -8.98
C SER A 415 27.51 5.84 -9.14
N LYS A 416 28.04 6.19 -10.31
CA LYS A 416 28.38 7.57 -10.60
C LYS A 416 27.75 8.00 -11.91
N LEU A 417 26.89 9.02 -11.88
CA LEU A 417 26.34 9.60 -13.10
C LEU A 417 27.50 10.22 -13.83
N ASP A 418 27.50 10.10 -15.15
CA ASP A 418 28.59 10.67 -15.94
C ASP A 418 28.73 12.15 -15.58
N LYS A 419 29.97 12.58 -15.44
CA LYS A 419 30.32 13.94 -15.01
C LYS A 419 29.61 15.05 -15.76
N SER A 420 29.38 14.85 -17.07
CA SER A 420 28.69 15.83 -17.89
C SER A 420 27.25 16.07 -17.45
N SER A 421 26.56 15.00 -17.06
CA SER A 421 25.18 15.07 -16.57
C SER A 421 25.08 15.86 -15.27
N ILE A 422 26.14 15.81 -14.46
CA ILE A 422 26.22 16.60 -13.25
C ILE A 422 26.45 18.04 -13.67
N LEU A 423 27.53 18.26 -14.43
CA LEU A 423 27.90 19.60 -14.89
C LEU A 423 26.78 20.37 -15.58
N ARG A 424 26.01 19.72 -16.45
CA ARG A 424 24.92 20.44 -17.13
C ARG A 424 23.78 20.94 -16.23
N GLN A 425 23.65 20.36 -15.05
CA GLN A 425 22.69 20.84 -14.09
C GLN A 425 23.14 22.17 -13.49
N LEU A 426 24.43 22.49 -13.60
CA LEU A 426 24.97 23.78 -13.19
C LEU A 426 24.79 24.83 -14.29
N GLU A 427 24.85 24.39 -15.55
CA GLU A 427 24.76 25.29 -16.70
C GLU A 427 23.32 25.60 -17.08
N TRP A 428 22.46 24.59 -16.96
CA TRP A 428 21.08 24.76 -17.38
C TRP A 428 20.12 24.60 -16.21
N SER A 429 18.95 25.22 -16.32
CA SER A 429 17.90 25.04 -15.33
C SER A 429 16.52 24.97 -15.99
N LYS A 430 15.74 23.96 -15.63
CA LYS A 430 14.40 23.82 -16.18
C LYS A 430 13.44 24.79 -15.50
N THR A 431 13.25 25.92 -16.17
CA THR A 431 12.38 27.01 -15.76
C THR A 431 10.91 26.60 -15.95
N THR A 432 9.98 27.46 -15.57
CA THR A 432 8.58 27.15 -15.67
C THR A 432 7.91 27.92 -16.83
N SER A 433 8.71 28.75 -17.51
CA SER A 433 8.26 29.56 -18.65
C SER A 433 8.91 29.13 -19.97
N ARG A 434 8.20 29.24 -21.09
CA ARG A 434 8.77 28.87 -22.38
C ARG A 434 9.68 29.95 -22.97
N HIS A 435 10.87 29.54 -23.38
CA HIS A 435 11.86 30.43 -23.97
C HIS A 435 11.98 30.07 -25.44
N MET A 436 11.95 31.10 -26.30
CA MET A 436 11.99 30.90 -27.74
C MET A 436 13.40 30.86 -28.32
N VAL A 437 14.39 31.10 -27.45
CA VAL A 437 15.82 30.96 -27.76
C VAL A 437 16.64 30.58 -26.53
N ILE A 438 17.93 30.35 -26.77
CA ILE A 438 18.87 30.12 -25.69
C ILE A 438 19.14 31.49 -25.09
N GLU A 439 18.92 31.58 -23.79
CA GLU A 439 19.08 32.82 -23.06
C GLU A 439 19.20 32.51 -21.59
N GLU A 440 19.52 33.54 -20.82
CA GLU A 440 19.71 33.39 -19.39
C GLU A 440 18.43 33.66 -18.60
N THR A 441 18.37 33.14 -17.39
CA THR A 441 17.21 33.37 -16.52
C THR A 441 17.58 33.73 -15.09
N TYR A 442 16.76 34.56 -14.47
CA TYR A 442 17.01 34.94 -13.09
C TYR A 442 15.96 34.35 -12.15
N ASP A 443 14.93 33.73 -12.71
CA ASP A 443 13.86 33.13 -11.92
C ASP A 443 14.33 31.81 -11.32
N LEU A 444 15.43 31.86 -10.58
CA LEU A 444 16.09 30.66 -10.05
C LEU A 444 15.88 30.43 -8.57
N ALA A 445 15.14 31.30 -7.90
CA ALA A 445 14.89 31.12 -6.47
C ALA A 445 13.65 30.28 -6.25
N LYS A 446 13.75 29.02 -6.63
CA LYS A 446 12.64 28.08 -6.46
C LYS A 446 13.13 26.86 -5.68
N GLU A 447 12.24 26.34 -4.85
CA GLU A 447 12.48 25.17 -4.02
C GLU A 447 12.98 23.94 -4.81
N GLU A 448 12.39 23.69 -5.98
CA GLU A 448 12.79 22.58 -6.86
C GLU A 448 14.26 22.65 -7.29
N ARG A 449 14.76 23.86 -7.52
CA ARG A 449 16.14 24.06 -7.93
C ARG A 449 17.03 23.79 -6.72
N GLY A 450 16.53 24.18 -5.55
CA GLY A 450 17.23 23.97 -4.30
C GLY A 450 17.45 22.50 -4.03
N VAL A 451 16.39 21.69 -4.10
CA VAL A 451 16.56 20.26 -3.84
C VAL A 451 17.38 19.58 -4.92
N GLN A 452 17.40 20.16 -6.12
CA GLN A 452 18.23 19.61 -7.19
C GLN A 452 19.71 19.87 -6.92
N LEU A 453 20.03 21.09 -6.49
CA LEU A 453 21.43 21.44 -6.23
C LEU A 453 22.01 20.82 -4.95
N GLU A 454 21.16 20.47 -3.98
CA GLU A 454 21.65 19.73 -2.80
C GLU A 454 21.90 18.28 -3.24
N GLU A 455 21.01 17.74 -4.06
CA GLU A 455 21.15 16.37 -4.55
C GLU A 455 22.37 16.22 -5.46
N LEU A 456 22.66 17.28 -6.20
CA LEU A 456 23.80 17.34 -7.10
C LEU A 456 25.12 17.16 -6.36
N GLN A 457 25.16 17.59 -5.10
CA GLN A 457 26.34 17.40 -4.25
C GLN A 457 26.58 15.92 -3.93
N VAL A 458 25.50 15.19 -3.65
CA VAL A 458 25.55 13.77 -3.33
C VAL A 458 25.94 12.97 -4.58
N ALA A 459 25.51 13.47 -5.73
CA ALA A 459 25.90 12.88 -7.00
C ALA A 459 27.40 13.08 -7.22
N ALA A 460 27.86 14.33 -7.14
CA ALA A 460 29.28 14.68 -7.33
C ALA A 460 30.24 14.01 -6.36
N ALA A 461 29.80 13.82 -5.11
CA ALA A 461 30.61 13.21 -4.05
C ALA A 461 31.15 11.86 -4.44
N ALA A 462 30.35 11.11 -5.18
CA ALA A 462 30.72 9.79 -5.68
C ALA A 462 31.93 9.79 -6.62
N HIS A 463 32.31 10.94 -7.15
CA HIS A 463 33.45 11.02 -8.04
C HIS A 463 34.73 11.36 -7.34
N GLY A 464 34.64 11.69 -6.05
CA GLY A 464 35.83 12.06 -5.30
C GLY A 464 35.78 13.49 -4.85
N GLN A 465 36.57 13.80 -3.82
CA GLN A 465 36.63 15.14 -3.22
C GLN A 465 37.00 16.27 -4.18
N GLU A 466 37.90 15.99 -5.11
CA GLU A 466 38.34 16.99 -6.08
C GLU A 466 37.22 17.40 -7.05
N PHE A 467 36.41 16.45 -7.49
CA PHE A 467 35.29 16.79 -8.36
C PHE A 467 34.21 17.49 -7.55
N PHE A 468 34.03 17.03 -6.32
CA PHE A 468 33.04 17.60 -5.41
C PHE A 468 33.34 19.07 -5.19
N ASN A 469 34.62 19.37 -4.98
CA ASN A 469 35.09 20.74 -4.75
C ASN A 469 34.89 21.62 -5.97
N PHE A 470 35.16 21.06 -7.14
CA PHE A 470 34.99 21.73 -8.42
C PHE A 470 33.53 22.15 -8.59
N VAL A 471 32.62 21.22 -8.37
CA VAL A 471 31.18 21.48 -8.47
C VAL A 471 30.73 22.49 -7.41
N CYS A 472 31.13 22.26 -6.15
CA CYS A 472 30.74 23.13 -5.05
C CYS A 472 31.20 24.57 -5.16
N ARG A 473 32.31 24.79 -5.85
CA ARG A 473 32.83 26.13 -6.09
C ARG A 473 31.81 26.92 -6.89
N GLU A 474 31.12 26.25 -7.81
CA GLU A 474 30.10 26.92 -8.59
C GLU A 474 28.79 26.96 -7.83
N LEU A 475 28.52 25.90 -7.07
CA LEU A 475 27.31 25.84 -6.27
C LEU A 475 27.27 26.96 -5.24
N GLU A 476 28.43 27.32 -4.70
CA GLU A 476 28.52 28.42 -3.73
C GLU A 476 28.22 29.79 -4.37
N ARG A 477 28.45 29.92 -5.67
CA ARG A 477 28.13 31.15 -6.40
C ARG A 477 26.64 31.19 -6.66
N GLN A 478 26.03 30.03 -6.85
CA GLN A 478 24.61 29.97 -7.14
C GLN A 478 23.73 30.12 -5.89
N GLN A 479 24.35 30.14 -4.71
CA GLN A 479 23.62 30.37 -3.45
C GLN A 479 23.07 31.81 -3.33
N ALA A 480 23.44 32.66 -4.28
CA ALA A 480 22.90 34.00 -4.30
C ALA A 480 21.65 33.98 -5.17
N TYR A 481 21.48 32.91 -5.93
CA TYR A 481 20.38 32.79 -6.87
C TYR A 481 19.34 31.83 -6.38
N THR A 482 19.73 30.97 -5.45
CA THR A 482 18.85 29.89 -5.00
C THR A 482 19.08 29.62 -3.52
N GLN A 483 17.98 29.51 -2.78
CA GLN A 483 18.01 29.20 -1.36
C GLN A 483 18.28 27.71 -1.21
N PHE A 484 19.53 27.32 -0.92
CA PHE A 484 19.91 25.91 -0.72
C PHE A 484 21.18 25.72 0.10
N SER A 485 21.45 24.49 0.51
CA SER A 485 22.60 24.22 1.36
C SER A 485 23.77 23.56 0.65
N VAL A 486 24.97 23.98 1.03
CA VAL A 486 26.17 23.35 0.50
C VAL A 486 26.83 22.55 1.63
N TYR A 487 26.74 21.23 1.49
CA TYR A 487 27.29 20.28 2.45
C TYR A 487 28.79 20.21 2.34
N SER A 488 29.42 19.61 3.34
CA SER A 488 30.83 19.31 3.23
C SER A 488 30.97 17.99 2.49
N TYR A 489 32.19 17.63 2.11
CA TYR A 489 32.44 16.38 1.40
C TYR A 489 32.02 15.20 2.24
N ASP A 490 32.48 15.18 3.49
CA ASP A 490 32.12 14.13 4.43
C ASP A 490 30.61 13.98 4.59
N ALA A 491 29.90 15.12 4.74
CA ALA A 491 28.45 15.11 4.91
C ALA A 491 27.72 14.44 3.74
N ALA A 492 28.15 14.78 2.52
CA ALA A 492 27.60 14.22 1.30
C ALA A 492 27.94 12.74 1.23
N ARG A 493 29.18 12.42 1.57
CA ARG A 493 29.64 11.03 1.60
C ARG A 493 28.86 10.16 2.57
N LYS A 494 28.37 10.74 3.66
CA LYS A 494 27.53 10.02 4.61
C LYS A 494 26.15 9.76 4.02
N ILE A 495 25.70 10.62 3.12
CA ILE A 495 24.40 10.44 2.48
C ILE A 495 24.38 9.25 1.50
N LEU A 496 25.47 9.08 0.75
CA LEU A 496 25.63 7.92 -0.13
C LEU A 496 25.57 6.64 0.69
N ALA A 497 26.35 6.60 1.77
CA ALA A 497 26.42 5.44 2.67
C ALA A 497 25.07 5.08 3.28
N ASP A 498 24.34 6.09 3.75
CA ASP A 498 23.01 5.92 4.33
C ASP A 498 22.01 5.35 3.32
N ARG A 499 22.12 5.82 2.08
CA ARG A 499 21.23 5.40 0.99
C ARG A 499 21.44 3.95 0.61
N LYS A 500 22.61 3.41 0.93
CA LYS A 500 22.86 1.99 0.77
C LYS A 500 22.39 1.35 2.06
N ARG A 501 23.14 0.37 2.56
CA ARG A 501 22.87 -0.35 3.82
C ARG A 501 21.45 -0.74 4.29
N PHE B 5 -14.46 -17.54 -2.44
CA PHE B 5 -14.30 -18.20 -3.76
C PHE B 5 -15.55 -18.19 -4.63
N CYS B 6 -15.55 -17.32 -5.63
CA CYS B 6 -16.70 -17.14 -6.50
C CYS B 6 -16.28 -17.14 -7.97
N GLY B 7 -15.34 -16.25 -8.31
CA GLY B 7 -14.80 -16.20 -9.66
C GLY B 7 -13.46 -16.88 -9.71
N GLU B 8 -12.70 -16.69 -10.78
CA GLU B 8 -11.37 -17.25 -10.92
C GLU B 8 -10.43 -16.62 -9.88
N PRO B 9 -9.41 -17.36 -9.41
CA PRO B 9 -8.50 -16.83 -8.40
C PRO B 9 -7.57 -15.77 -8.98
N ILE B 10 -7.41 -14.68 -8.27
CA ILE B 10 -6.56 -13.61 -8.71
C ILE B 10 -5.61 -13.19 -7.59
N ASP B 11 -4.58 -12.45 -7.97
CA ASP B 11 -3.65 -11.90 -7.03
C ASP B 11 -3.81 -10.39 -7.07
N TYR B 12 -3.93 -9.76 -5.91
CA TYR B 12 -4.00 -8.31 -5.82
C TYR B 12 -2.92 -7.86 -4.83
N ARG B 13 -1.76 -7.46 -5.36
CA ARG B 13 -0.62 -6.98 -4.57
C ARG B 13 -0.27 -7.81 -3.35
N GLY B 14 -0.20 -9.12 -3.49
CA GLY B 14 0.15 -9.92 -2.33
C GLY B 14 -1.05 -10.63 -1.75
N ILE B 15 -2.24 -10.11 -2.03
CA ILE B 15 -3.46 -10.74 -1.55
C ILE B 15 -3.90 -11.76 -2.58
N THR B 16 -4.24 -12.96 -2.13
CA THR B 16 -4.78 -13.97 -3.02
C THR B 16 -6.28 -13.91 -2.84
N ALA B 17 -7.01 -13.77 -3.92
CA ALA B 17 -8.46 -13.58 -3.81
C ALA B 17 -9.19 -14.08 -5.02
N HIS B 18 -10.51 -13.98 -4.98
CA HIS B 18 -11.36 -14.35 -6.11
C HIS B 18 -12.23 -13.16 -6.46
N ARG B 19 -12.47 -12.95 -7.74
CA ARG B 19 -13.29 -11.84 -8.18
C ARG B 19 -14.78 -12.13 -7.96
N LEU B 20 -15.52 -11.16 -7.42
CA LEU B 20 -16.93 -11.38 -7.16
C LEU B 20 -17.76 -11.15 -8.42
N VAL B 21 -18.05 -12.25 -9.10
CA VAL B 21 -18.86 -12.31 -10.33
C VAL B 21 -19.32 -10.97 -10.93
N GLY B 22 -20.33 -10.36 -10.35
CA GLY B 22 -20.87 -9.12 -10.88
C GLY B 22 -21.64 -8.28 -9.88
N ALA B 23 -21.34 -8.46 -8.60
CA ALA B 23 -21.94 -7.64 -7.56
C ALA B 23 -21.22 -6.31 -7.53
N GLU B 24 -21.93 -5.28 -7.07
CA GLU B 24 -21.42 -3.92 -6.97
C GLU B 24 -20.38 -3.80 -5.86
N PRO B 25 -19.14 -3.48 -6.24
CA PRO B 25 -18.05 -3.36 -5.27
C PRO B 25 -18.28 -2.20 -4.31
N ARG B 26 -18.06 -2.45 -3.03
CA ARG B 26 -18.19 -1.39 -2.03
C ARG B 26 -16.79 -1.03 -1.52
N PRO B 27 -16.29 0.10 -1.98
CA PRO B 27 -14.94 0.56 -1.62
C PRO B 27 -14.90 1.01 -0.18
N PRO B 28 -13.74 0.95 0.46
CA PRO B 28 -13.58 1.47 1.81
C PRO B 28 -13.97 2.94 1.77
N VAL B 29 -14.72 3.35 2.78
CA VAL B 29 -15.27 4.69 2.93
C VAL B 29 -14.17 5.75 3.05
N SER B 30 -14.37 6.87 2.38
CA SER B 30 -13.41 7.95 2.49
C SER B 30 -13.87 8.93 3.57
N GLY B 31 -12.97 9.85 3.92
CA GLY B 31 -13.27 10.86 4.90
C GLY B 31 -13.07 10.39 6.33
N THR B 32 -13.31 11.27 7.29
CA THR B 32 -13.28 10.88 8.70
C THR B 32 -14.40 11.64 9.38
N ARG B 33 -15.02 11.05 10.41
CA ARG B 33 -16.06 11.77 11.13
C ARG B 33 -15.45 12.76 12.12
N TYR B 34 -14.21 12.49 12.53
CA TYR B 34 -13.49 13.35 13.46
C TYR B 34 -13.16 14.70 12.84
N ALA B 35 -13.26 15.75 13.66
CA ALA B 35 -12.97 17.09 13.22
C ALA B 35 -12.51 17.91 14.42
N LYS B 36 -11.69 18.93 14.17
CA LYS B 36 -11.17 19.75 15.26
C LYS B 36 -12.18 20.70 15.87
N VAL B 37 -12.22 20.81 17.19
CA VAL B 37 -13.05 21.84 17.78
C VAL B 37 -12.26 23.14 17.72
N PRO B 38 -12.90 24.25 17.36
CA PRO B 38 -12.21 25.53 17.22
C PRO B 38 -11.64 26.10 18.51
N GLY B 39 -10.60 26.92 18.35
CA GLY B 39 -9.94 27.67 19.42
C GLY B 39 -9.34 26.94 20.60
N VAL B 40 -9.09 25.64 20.44
CA VAL B 40 -8.43 24.86 21.49
C VAL B 40 -7.01 25.39 21.59
N PRO B 41 -6.63 25.81 22.80
CA PRO B 41 -5.27 26.30 23.04
C PRO B 41 -4.29 25.14 22.87
N ASP B 42 -3.08 25.44 22.41
CA ASP B 42 -2.10 24.40 22.11
C ASP B 42 -1.72 23.44 23.25
N GLU B 43 -1.84 23.93 24.48
CA GLU B 43 -1.57 23.17 25.70
C GLU B 43 -2.39 21.88 25.82
N TYR B 44 -3.56 21.86 25.20
CA TYR B 44 -4.46 20.72 25.27
C TYR B 44 -4.28 19.75 24.13
N LYS B 45 -3.55 20.20 23.11
CA LYS B 45 -3.33 19.38 21.92
C LYS B 45 -2.28 18.29 22.15
N THR B 46 -2.58 17.11 21.64
CA THR B 46 -1.62 16.01 21.70
C THR B 46 -1.27 15.64 20.25
N GLY B 47 -0.47 14.61 20.07
CA GLY B 47 -0.06 14.29 18.72
C GLY B 47 -1.03 13.53 17.84
N TYR B 48 -2.20 13.19 18.37
CA TYR B 48 -3.15 12.36 17.64
C TYR B 48 -3.95 13.08 16.57
N ARG B 49 -4.31 12.30 15.54
CA ARG B 49 -5.09 12.77 14.41
C ARG B 49 -5.84 11.55 13.85
N PRO B 50 -6.90 11.76 13.04
CA PRO B 50 -7.67 10.65 12.50
C PRO B 50 -6.82 9.70 11.66
N ALA B 51 -7.32 8.50 11.47
CA ALA B 51 -6.58 7.53 10.69
C ALA B 51 -6.61 7.91 9.21
N ASN B 52 -5.67 7.35 8.46
CA ASN B 52 -5.50 7.60 7.02
C ASN B 52 -6.76 7.90 6.20
N LEU B 53 -6.71 8.95 5.40
CA LEU B 53 -7.86 9.31 4.57
C LEU B 53 -7.64 8.79 3.16
N GLY B 54 -6.39 8.45 2.85
CA GLY B 54 -6.05 8.00 1.52
C GLY B 54 -5.15 8.94 0.75
N ARG B 55 -5.47 9.16 -0.52
CA ARG B 55 -4.68 9.98 -1.43
C ARG B 55 -4.64 11.42 -1.01
N SER B 56 -5.80 11.91 -0.62
CA SER B 56 -6.03 13.28 -0.22
C SER B 56 -5.46 13.58 1.17
N ASP B 57 -4.84 12.58 1.80
CA ASP B 57 -4.27 12.75 3.13
C ASP B 57 -3.04 13.63 3.09
N PRO B 58 -2.97 14.62 3.98
CA PRO B 58 -1.81 15.52 4.03
C PRO B 58 -0.60 14.95 4.77
N ASP B 59 -0.68 13.75 5.33
CA ASP B 59 0.44 13.18 6.06
C ASP B 59 0.93 11.85 5.51
N SER B 60 0.21 11.33 4.52
CA SER B 60 0.56 10.05 3.90
C SER B 60 -0.03 9.94 2.49
N ASP B 61 0.57 9.07 1.69
CA ASP B 61 0.10 8.89 0.33
C ASP B 61 -0.55 7.53 0.17
N LYS B 62 -0.45 6.71 1.21
CA LYS B 62 -0.98 5.35 1.19
C LYS B 62 -2.49 5.30 0.95
N SER B 63 -2.90 4.57 -0.09
CA SER B 63 -4.31 4.49 -0.45
C SER B 63 -5.04 3.51 0.43
N LEU B 64 -6.29 3.81 0.73
CA LEU B 64 -7.17 2.99 1.55
C LEU B 64 -7.17 1.52 1.13
N MET B 65 -7.36 1.33 -0.17
CA MET B 65 -7.34 0.05 -0.85
C MET B 65 -6.05 -0.70 -0.51
N ASN B 66 -4.91 -0.05 -0.78
CA ASN B 66 -3.62 -0.66 -0.49
C ASN B 66 -3.33 -0.88 1.01
N ILE B 67 -3.93 -0.09 1.89
CA ILE B 67 -3.74 -0.27 3.33
C ILE B 67 -4.48 -1.54 3.76
N ALA B 68 -5.74 -1.63 3.32
CA ALA B 68 -6.58 -2.80 3.57
C ALA B 68 -5.90 -4.08 3.07
N VAL B 69 -5.41 -4.06 1.83
CA VAL B 69 -4.75 -5.21 1.23
C VAL B 69 -3.53 -5.64 2.05
N LYS B 70 -2.70 -4.68 2.43
CA LYS B 70 -1.51 -4.96 3.22
C LYS B 70 -1.88 -5.57 4.58
N ASN B 71 -2.96 -5.09 5.19
CA ASN B 71 -3.43 -5.62 6.48
C ASN B 71 -3.93 -7.05 6.32
N LEU B 72 -4.53 -7.33 5.16
CA LEU B 72 -5.04 -8.67 4.86
C LEU B 72 -3.95 -9.72 4.64
N GLN B 73 -2.76 -9.30 4.24
CA GLN B 73 -1.65 -10.24 4.04
C GLN B 73 -1.34 -11.06 5.29
N VAL B 74 -1.37 -10.40 6.42
CA VAL B 74 -1.08 -10.98 7.71
C VAL B 74 -2.00 -12.17 7.99
N TYR B 75 -3.29 -12.02 7.67
CA TYR B 75 -4.29 -13.07 7.89
C TYR B 75 -4.20 -14.18 6.85
N GLN B 76 -3.32 -14.04 5.87
CA GLN B 76 -3.17 -15.07 4.85
C GLN B 76 -1.89 -15.88 5.05
N GLN B 77 -1.14 -15.58 6.10
CA GLN B 77 0.05 -16.36 6.40
C GLN B 77 -0.37 -17.62 7.15
N GLU B 78 0.46 -18.64 7.15
CA GLU B 78 0.14 -19.89 7.85
C GLU B 78 0.20 -19.64 9.35
N PRO B 79 -0.71 -20.25 10.11
CA PRO B 79 -0.70 -20.10 11.57
C PRO B 79 0.52 -20.75 12.18
N LYS B 80 0.84 -20.39 13.41
CA LYS B 80 1.97 -21.01 14.08
C LYS B 80 1.55 -22.40 14.52
N LEU B 81 0.31 -22.50 14.95
CA LEU B 81 -0.24 -23.76 15.47
C LEU B 81 -1.19 -24.39 14.47
N ASP B 82 -0.99 -25.68 14.21
CA ASP B 82 -1.83 -26.43 13.29
C ASP B 82 -2.79 -27.21 14.16
N LYS B 83 -2.30 -27.59 15.32
CA LYS B 83 -3.03 -28.37 16.30
C LYS B 83 -2.76 -27.78 17.68
N VAL B 84 -3.57 -28.19 18.64
CA VAL B 84 -3.48 -27.75 20.01
C VAL B 84 -2.70 -28.79 20.85
N ASP B 85 -1.76 -28.34 21.68
CA ASP B 85 -1.00 -29.27 22.51
C ASP B 85 -1.77 -29.73 23.75
N GLU B 86 -1.16 -30.57 24.58
CA GLU B 86 -1.83 -31.12 25.77
C GLU B 86 -2.09 -30.11 26.91
N PHE B 87 -1.44 -28.96 26.85
CA PHE B 87 -1.56 -27.95 27.88
C PHE B 87 -2.69 -26.97 27.62
N ILE B 88 -2.97 -26.73 26.34
CA ILE B 88 -4.11 -25.90 25.94
C ILE B 88 -5.36 -26.75 26.20
N GLU B 89 -5.22 -28.06 25.95
CA GLU B 89 -6.28 -29.04 26.22
C GLU B 89 -6.56 -29.09 27.71
N ARG B 90 -5.49 -28.92 28.50
CA ARG B 90 -5.61 -28.89 29.94
C ARG B 90 -6.27 -27.58 30.34
N ALA B 91 -5.79 -26.48 29.74
CA ALA B 91 -6.34 -25.15 29.99
C ALA B 91 -7.83 -25.07 29.68
N ALA B 92 -8.25 -25.83 28.67
CA ALA B 92 -9.64 -25.91 28.24
C ALA B 92 -10.57 -26.43 29.33
N ALA B 93 -10.14 -27.48 30.03
CA ALA B 93 -10.93 -28.08 31.10
C ALA B 93 -11.27 -27.11 32.24
N ASP B 94 -10.40 -26.12 32.45
CA ASP B 94 -10.64 -25.08 33.45
C ASP B 94 -11.80 -24.22 33.00
N VAL B 95 -11.70 -23.69 31.79
CA VAL B 95 -12.73 -22.84 31.20
C VAL B 95 -14.05 -23.60 31.13
N LEU B 96 -13.97 -24.85 30.69
CA LEU B 96 -15.15 -25.69 30.57
C LEU B 96 -15.79 -25.93 31.94
N GLY B 97 -14.97 -26.28 32.93
CA GLY B 97 -15.44 -26.51 34.28
C GLY B 97 -16.07 -25.29 34.94
N TYR B 98 -15.39 -24.16 34.84
CA TYR B 98 -15.86 -22.88 35.36
C TYR B 98 -17.21 -22.50 34.77
N LEU B 99 -17.35 -22.71 33.46
CA LEU B 99 -18.58 -22.41 32.73
C LEU B 99 -19.80 -23.19 33.21
N ARG B 100 -19.73 -24.52 33.21
CA ARG B 100 -20.87 -25.31 33.69
C ARG B 100 -21.09 -25.24 35.20
N PHE B 101 -20.14 -24.67 35.93
CA PHE B 101 -20.31 -24.38 37.35
C PHE B 101 -21.16 -23.11 37.42
N LEU B 102 -20.88 -22.19 36.51
CA LEU B 102 -21.57 -20.91 36.44
C LEU B 102 -22.98 -21.06 35.86
N THR B 103 -23.20 -22.04 34.99
CA THR B 103 -24.54 -22.29 34.46
C THR B 103 -25.29 -23.28 35.33
N LYS B 104 -24.58 -23.84 36.30
CA LYS B 104 -25.09 -24.84 37.23
C LYS B 104 -25.47 -26.14 36.52
N GLY B 105 -24.76 -26.41 35.43
CA GLY B 105 -24.98 -27.61 34.64
C GLY B 105 -26.15 -27.52 33.69
N GLU B 106 -26.78 -26.36 33.60
CA GLU B 106 -27.92 -26.21 32.71
C GLU B 106 -27.55 -25.64 31.36
N ARG B 107 -27.93 -26.37 30.32
CA ARG B 107 -27.71 -25.95 28.95
C ARG B 107 -28.52 -24.69 28.65
N GLN B 108 -27.80 -23.64 28.30
CA GLN B 108 -28.36 -22.34 28.04
C GLN B 108 -29.21 -22.37 26.78
N ALA B 109 -30.43 -21.90 26.89
CA ALA B 109 -31.38 -21.98 25.79
C ALA B 109 -31.09 -20.96 24.72
N ASN B 110 -31.69 -21.18 23.56
CA ASN B 110 -31.56 -20.25 22.45
C ASN B 110 -32.60 -19.16 22.58
N LEU B 111 -32.28 -17.96 22.14
CA LEU B 111 -33.26 -16.89 22.11
C LEU B 111 -34.14 -17.10 20.87
N ASN B 112 -35.31 -16.49 20.86
CA ASN B 112 -36.12 -16.51 19.63
C ASN B 112 -35.61 -15.40 18.71
N PHE B 113 -36.09 -15.38 17.47
CA PHE B 113 -35.69 -14.40 16.47
C PHE B 113 -35.70 -12.97 17.01
N LYS B 114 -36.88 -12.56 17.47
CA LYS B 114 -37.14 -11.24 18.05
C LYS B 114 -36.12 -10.82 19.10
N ALA B 115 -35.88 -11.71 20.07
CA ALA B 115 -34.95 -11.44 21.16
C ALA B 115 -33.54 -11.33 20.65
N ALA B 116 -33.18 -12.26 19.77
CA ALA B 116 -31.86 -12.27 19.15
C ALA B 116 -31.64 -10.97 18.44
N PHE B 117 -32.58 -10.58 17.59
CA PHE B 117 -32.49 -9.34 16.83
C PHE B 117 -32.39 -8.10 17.73
N ASN B 118 -33.14 -8.08 18.83
CA ASN B 118 -33.14 -6.97 19.77
C ASN B 118 -31.82 -6.74 20.51
N THR B 119 -30.93 -7.74 20.49
CA THR B 119 -29.60 -7.67 21.10
C THR B 119 -28.68 -6.77 20.28
N LEU B 120 -28.82 -6.84 18.96
CA LEU B 120 -28.00 -6.06 18.04
C LEU B 120 -28.33 -4.59 18.12
N ASP B 121 -27.30 -3.77 18.17
CA ASP B 121 -27.49 -2.34 18.24
C ASP B 121 -27.92 -1.75 16.92
N LEU B 122 -28.45 -0.54 16.96
CA LEU B 122 -28.92 0.17 15.77
C LEU B 122 -27.77 0.47 14.82
N SER B 123 -26.58 0.61 15.39
CA SER B 123 -25.39 0.96 14.65
C SER B 123 -24.64 -0.21 14.00
N THR B 124 -25.12 -1.44 14.17
CA THR B 124 -24.46 -2.62 13.57
C THR B 124 -24.37 -2.54 12.05
N SER B 125 -23.35 -3.17 11.50
CA SER B 125 -23.19 -3.26 10.06
C SER B 125 -24.18 -4.31 9.63
N CYS B 126 -24.73 -4.17 8.42
CA CYS B 126 -25.61 -5.20 7.91
C CYS B 126 -24.78 -6.22 7.14
N GLY B 127 -23.54 -5.85 6.87
CA GLY B 127 -22.61 -6.73 6.20
C GLY B 127 -22.72 -6.71 4.70
N PRO B 128 -22.05 -7.66 4.07
CA PRO B 128 -21.96 -7.74 2.60
C PRO B 128 -23.24 -7.92 1.77
N PHE B 129 -24.34 -8.40 2.34
CA PHE B 129 -25.52 -8.70 1.51
C PHE B 129 -26.66 -7.70 1.65
N VAL B 130 -26.64 -6.94 2.74
CA VAL B 130 -27.63 -5.92 2.97
C VAL B 130 -26.87 -4.61 3.12
N PRO B 131 -27.14 -3.64 2.25
CA PRO B 131 -26.45 -2.34 2.32
C PRO B 131 -26.85 -1.52 3.55
N GLY B 132 -26.03 -0.52 3.86
CA GLY B 132 -26.29 0.36 4.98
C GLY B 132 -26.17 -0.31 6.34
N LYS B 133 -26.84 0.30 7.33
CA LYS B 133 -26.81 -0.17 8.71
C LYS B 133 -28.19 -0.63 9.17
N LYS B 134 -28.23 -1.29 10.32
CA LYS B 134 -29.46 -1.83 10.91
C LYS B 134 -30.57 -0.79 11.01
N ILE B 135 -30.24 0.38 11.55
CA ILE B 135 -31.19 1.48 11.73
C ILE B 135 -31.79 2.00 10.41
N ASP B 136 -31.10 1.79 9.29
CA ASP B 136 -31.63 2.22 7.98
C ASP B 136 -32.69 1.27 7.43
N HIS B 137 -33.00 0.20 8.16
CA HIS B 137 -33.94 -0.81 7.69
C HIS B 137 -35.08 -1.10 8.65
N VAL B 138 -35.04 -0.48 9.82
CA VAL B 138 -36.11 -0.67 10.79
C VAL B 138 -36.72 0.68 11.12
N LYS B 139 -37.94 0.91 10.66
CA LYS B 139 -38.59 2.19 10.92
C LYS B 139 -39.42 2.13 12.18
N ASP B 140 -38.72 1.87 13.29
CA ASP B 140 -39.29 1.70 14.64
C ASP B 140 -40.34 0.59 14.69
N GLY B 141 -39.85 -0.63 14.88
CA GLY B 141 -40.71 -1.80 14.93
C GLY B 141 -40.58 -2.64 13.67
N VAL B 142 -41.36 -2.29 12.66
CA VAL B 142 -41.40 -2.98 11.37
C VAL B 142 -40.02 -3.00 10.67
N MET B 143 -39.69 -4.16 10.10
CA MET B 143 -38.42 -4.41 9.47
C MET B 143 -38.58 -4.42 7.94
N ASP B 144 -37.59 -3.86 7.23
CA ASP B 144 -37.54 -3.78 5.76
C ASP B 144 -37.83 -5.07 5.02
N GLN B 145 -38.26 -4.96 3.76
CA GLN B 145 -38.48 -6.15 2.96
C GLN B 145 -37.14 -6.80 2.67
N VAL B 146 -36.18 -5.99 2.22
CA VAL B 146 -34.83 -6.44 1.90
C VAL B 146 -34.10 -7.04 3.13
N LEU B 147 -34.33 -6.47 4.31
CA LEU B 147 -33.72 -6.98 5.52
C LEU B 147 -34.42 -8.24 6.00
N ALA B 148 -35.72 -8.16 6.24
CA ALA B 148 -36.49 -9.31 6.71
C ALA B 148 -36.32 -10.53 5.85
N LYS B 149 -36.38 -10.36 4.53
CA LYS B 149 -36.19 -11.48 3.61
C LYS B 149 -34.82 -12.13 3.70
N HIS B 150 -33.79 -11.34 3.97
CA HIS B 150 -32.46 -11.90 4.10
C HIS B 150 -32.28 -12.60 5.46
N LEU B 151 -32.79 -11.96 6.51
CA LEU B 151 -32.73 -12.54 7.84
C LEU B 151 -33.58 -13.80 7.95
N TYR B 152 -34.70 -13.82 7.20
CA TYR B 152 -35.59 -14.98 7.17
C TYR B 152 -34.90 -16.18 6.59
N LYS B 153 -34.23 -15.98 5.46
CA LYS B 153 -33.48 -17.02 4.78
C LYS B 153 -32.42 -17.52 5.73
N CYS B 154 -31.60 -16.59 6.25
CA CYS B 154 -30.50 -16.93 7.17
C CYS B 154 -30.95 -17.76 8.36
N TRP B 155 -32.05 -17.33 9.00
CA TRP B 155 -32.66 -18.02 10.11
C TRP B 155 -33.17 -19.40 9.67
N SER B 156 -33.79 -19.46 8.50
CA SER B 156 -34.27 -20.72 7.95
C SER B 156 -33.12 -21.71 7.72
N VAL B 157 -32.04 -21.28 7.05
CA VAL B 157 -30.92 -22.20 6.80
C VAL B 157 -30.19 -22.60 8.09
N ALA B 158 -30.03 -21.67 9.01
CA ALA B 158 -29.36 -21.99 10.26
C ALA B 158 -30.15 -22.96 11.15
N ASN B 159 -31.47 -22.92 11.07
CA ASN B 159 -32.28 -23.86 11.85
C ASN B 159 -32.42 -25.24 11.22
N SER B 160 -31.64 -25.51 10.18
CA SER B 160 -31.60 -26.82 9.56
C SER B 160 -30.26 -27.46 9.89
N GLY B 161 -29.42 -26.71 10.59
CA GLY B 161 -28.12 -27.17 11.01
C GLY B 161 -27.03 -26.95 9.98
N LYS B 162 -27.40 -26.35 8.86
CA LYS B 162 -26.47 -26.07 7.79
C LYS B 162 -25.76 -24.76 8.10
N ALA B 163 -24.47 -24.69 7.75
CA ALA B 163 -23.67 -23.50 8.00
C ALA B 163 -24.00 -22.35 7.05
N LEU B 164 -23.85 -21.14 7.57
CA LEU B 164 -23.95 -19.94 6.77
C LEU B 164 -22.54 -19.59 6.34
N HIS B 165 -22.42 -18.62 5.45
CA HIS B 165 -21.11 -18.19 5.02
C HIS B 165 -20.48 -17.34 6.11
N HIS B 166 -19.26 -17.67 6.49
CA HIS B 166 -18.57 -16.86 7.46
C HIS B 166 -17.92 -15.72 6.71
N ILE B 167 -18.74 -14.76 6.29
CA ILE B 167 -18.29 -13.69 5.43
C ILE B 167 -18.53 -12.31 6.03
N TYR B 168 -17.68 -11.37 5.67
CA TYR B 168 -17.74 -10.04 6.24
C TYR B 168 -17.59 -8.99 5.15
N ALA B 169 -17.99 -7.77 5.45
CA ALA B 169 -17.73 -6.66 4.55
C ALA B 169 -16.40 -6.02 5.01
N CYS B 170 -15.47 -5.76 4.09
CA CYS B 170 -14.16 -5.22 4.48
C CYS B 170 -14.12 -3.70 4.51
N GLY B 171 -13.52 -3.15 5.57
CA GLY B 171 -13.40 -1.72 5.69
C GLY B 171 -12.23 -1.35 6.57
N LEU B 172 -12.06 -0.05 6.81
CA LEU B 172 -10.96 0.42 7.64
C LEU B 172 -11.55 1.26 8.77
N LYS B 173 -10.94 1.18 9.95
CA LYS B 173 -11.46 1.81 11.15
C LYS B 173 -11.15 3.29 11.26
N ASP B 174 -12.21 4.09 11.37
CA ASP B 174 -12.05 5.52 11.54
C ASP B 174 -11.88 5.79 13.01
N GLU B 175 -10.68 6.21 13.40
CA GLU B 175 -10.40 6.49 14.79
C GLU B 175 -9.17 7.40 14.89
N LEU B 176 -8.92 7.93 16.08
CA LEU B 176 -7.75 8.75 16.28
C LEU B 176 -6.54 7.84 16.47
N ARG B 177 -5.42 8.20 15.86
CA ARG B 177 -4.21 7.41 15.95
C ARG B 177 -3.05 8.38 16.20
N PRO B 178 -1.94 7.93 16.76
CA PRO B 178 -0.74 8.78 16.86
C PRO B 178 -0.24 9.10 15.46
N LEU B 179 0.29 10.31 15.26
CA LEU B 179 0.80 10.77 13.96
C LEU B 179 1.64 9.72 13.24
N ASP B 180 2.57 9.10 13.99
CA ASP B 180 3.45 8.07 13.47
C ASP B 180 2.73 6.94 12.74
N LYS B 181 1.66 6.41 13.32
CA LYS B 181 0.92 5.31 12.71
C LYS B 181 0.18 5.75 11.42
N VAL B 182 -0.15 7.03 11.31
CA VAL B 182 -0.81 7.53 10.11
C VAL B 182 0.20 7.62 8.97
N LYS B 183 1.38 8.15 9.29
CA LYS B 183 2.48 8.29 8.34
C LYS B 183 2.91 6.93 7.77
N GLU B 184 2.79 5.88 8.58
CA GLU B 184 3.14 4.56 8.10
C GLU B 184 1.91 3.74 7.70
N GLY B 185 0.80 4.43 7.49
CA GLY B 185 -0.43 3.82 6.99
C GLY B 185 -1.08 2.75 7.85
N LYS B 186 -0.98 2.90 9.16
CA LYS B 186 -1.56 1.90 10.04
C LYS B 186 -3.02 2.15 10.42
N LYS B 187 -3.92 1.85 9.48
CA LYS B 187 -5.34 1.96 9.74
C LYS B 187 -5.83 0.51 9.86
N ARG B 188 -6.48 0.20 10.98
CA ARG B 188 -6.92 -1.17 11.25
C ARG B 188 -8.10 -1.57 10.43
N LEU B 189 -8.22 -2.87 10.18
CA LEU B 189 -9.35 -3.40 9.43
C LEU B 189 -10.64 -3.37 10.22
N LEU B 190 -11.73 -3.18 9.51
CA LEU B 190 -13.06 -3.33 10.06
C LEU B 190 -13.51 -4.64 9.43
N TRP B 191 -14.18 -5.48 10.20
CA TRP B 191 -14.76 -6.69 9.67
C TRP B 191 -16.25 -6.49 9.88
N GLY B 192 -16.97 -6.14 8.83
CA GLY B 192 -18.39 -5.87 8.95
C GLY B 192 -19.17 -7.14 8.76
N CYS B 193 -19.66 -7.69 9.86
CA CYS B 193 -20.33 -8.99 9.88
C CYS B 193 -21.67 -9.05 9.17
N ASP B 194 -21.94 -10.22 8.60
CA ASP B 194 -23.23 -10.47 7.97
C ASP B 194 -24.23 -10.48 9.09
N VAL B 195 -25.29 -9.70 8.93
CA VAL B 195 -26.32 -9.53 9.95
C VAL B 195 -27.12 -10.81 10.20
N GLY B 196 -27.02 -11.76 9.27
CA GLY B 196 -27.68 -13.04 9.43
C GLY B 196 -26.91 -13.89 10.43
N VAL B 197 -25.60 -13.87 10.32
CA VAL B 197 -24.72 -14.59 11.25
C VAL B 197 -24.89 -13.98 12.63
N ALA B 198 -24.81 -12.65 12.68
CA ALA B 198 -24.95 -11.87 13.90
C ALA B 198 -26.22 -12.17 14.69
N VAL B 199 -27.36 -12.29 14.00
CA VAL B 199 -28.64 -12.60 14.62
C VAL B 199 -28.63 -14.04 15.11
N CYS B 200 -28.02 -14.92 14.33
CA CYS B 200 -28.01 -16.34 14.67
C CYS B 200 -27.11 -16.60 15.86
N ALA B 201 -25.94 -15.99 15.84
CA ALA B 201 -24.98 -16.16 16.92
C ALA B 201 -25.50 -15.55 18.21
N ALA B 202 -26.21 -14.42 18.11
CA ALA B 202 -26.87 -13.80 19.26
C ALA B 202 -27.78 -14.79 19.92
N ALA B 203 -28.68 -15.39 19.13
CA ALA B 203 -29.60 -16.41 19.63
C ALA B 203 -28.92 -17.54 20.38
N VAL B 204 -27.77 -17.97 19.88
CA VAL B 204 -27.02 -19.08 20.46
C VAL B 204 -26.13 -18.67 21.65
N PHE B 205 -25.53 -17.49 21.60
CA PHE B 205 -24.54 -17.10 22.61
C PHE B 205 -24.91 -16.07 23.68
N HIS B 206 -25.97 -15.28 23.45
CA HIS B 206 -26.35 -14.20 24.37
C HIS B 206 -26.48 -14.63 25.82
N ASN B 207 -27.20 -15.72 26.04
CA ASN B 207 -27.49 -16.19 27.38
C ASN B 207 -26.26 -16.54 28.23
N ILE B 208 -25.34 -17.34 27.69
CA ILE B 208 -24.12 -17.65 28.42
C ILE B 208 -23.21 -16.40 28.59
N CYS B 209 -23.13 -15.55 27.58
CA CYS B 209 -22.29 -14.35 27.67
C CYS B 209 -22.86 -13.24 28.56
N TYR B 210 -24.15 -13.31 28.90
CA TYR B 210 -24.74 -12.34 29.80
C TYR B 210 -24.41 -12.74 31.24
N LYS B 211 -24.35 -14.05 31.45
CA LYS B 211 -23.98 -14.61 32.73
C LYS B 211 -22.53 -14.24 33.00
N LEU B 212 -21.65 -14.47 32.01
CA LEU B 212 -20.23 -14.13 32.08
C LEU B 212 -20.00 -12.66 32.43
N LYS B 213 -20.80 -11.79 31.81
CA LYS B 213 -20.77 -10.35 32.08
C LYS B 213 -21.10 -10.01 33.54
N MET B 214 -22.09 -10.70 34.12
CA MET B 214 -22.49 -10.43 35.50
C MET B 214 -21.45 -10.83 36.56
N VAL B 215 -20.52 -11.69 36.17
CA VAL B 215 -19.47 -12.14 37.07
C VAL B 215 -18.09 -11.74 36.55
N ALA B 216 -18.05 -10.66 35.80
CA ALA B 216 -16.81 -10.16 35.19
C ALA B 216 -15.80 -9.65 36.21
N ARG B 217 -16.28 -9.19 37.36
CA ARG B 217 -15.41 -8.64 38.38
C ARG B 217 -14.50 -9.68 39.03
N PHE B 218 -14.89 -10.95 38.96
CA PHE B 218 -14.08 -12.02 39.51
C PHE B 218 -13.15 -12.56 38.44
N GLY B 219 -13.59 -12.46 37.19
CA GLY B 219 -12.80 -12.90 36.05
C GLY B 219 -12.81 -14.40 35.80
N PRO B 220 -11.91 -14.89 34.95
CA PRO B 220 -10.91 -14.08 34.21
C PRO B 220 -11.42 -13.24 33.04
N ILE B 221 -12.55 -13.61 32.44
CA ILE B 221 -13.09 -12.83 31.33
C ILE B 221 -13.69 -11.54 31.87
N ALA B 222 -13.07 -10.42 31.52
CA ALA B 222 -13.48 -9.13 32.05
C ALA B 222 -14.41 -8.36 31.11
N VAL B 223 -14.91 -9.01 30.07
CA VAL B 223 -15.72 -8.37 29.03
C VAL B 223 -16.79 -7.34 29.49
N GLY B 224 -17.64 -7.69 30.43
CA GLY B 224 -18.66 -6.74 30.82
C GLY B 224 -18.28 -5.82 31.98
N VAL B 225 -16.98 -5.69 32.24
CA VAL B 225 -16.50 -4.96 33.42
C VAL B 225 -16.77 -3.44 33.38
N ASP B 226 -16.89 -2.85 34.56
CA ASP B 226 -17.15 -1.43 34.69
C ASP B 226 -16.07 -0.85 35.57
N MET B 227 -15.15 -0.12 34.95
CA MET B 227 -14.02 0.43 35.68
C MET B 227 -14.28 1.72 36.44
N THR B 228 -15.55 2.10 36.56
CA THR B 228 -15.88 3.27 37.33
C THR B 228 -16.76 2.81 38.49
N SER B 229 -17.20 1.55 38.42
CA SER B 229 -18.01 0.95 39.48
C SER B 229 -17.13 0.25 40.51
N ARG B 230 -17.73 -0.62 41.33
CA ARG B 230 -16.99 -1.35 42.36
C ARG B 230 -16.12 -2.46 41.78
N ASP B 231 -16.45 -2.91 40.58
CA ASP B 231 -15.69 -3.96 39.88
C ASP B 231 -14.18 -3.84 40.10
N VAL B 232 -13.66 -2.61 40.05
CA VAL B 232 -12.25 -2.29 40.30
C VAL B 232 -11.71 -2.86 41.61
N ASP B 233 -12.36 -2.51 42.72
CA ASP B 233 -11.95 -2.99 44.04
C ASP B 233 -11.94 -4.52 44.11
N VAL B 234 -12.99 -5.13 43.57
CA VAL B 234 -13.07 -6.59 43.52
C VAL B 234 -11.95 -7.20 42.67
N ILE B 235 -11.72 -6.69 41.46
CA ILE B 235 -10.65 -7.25 40.61
C ILE B 235 -9.26 -7.09 41.20
N ILE B 236 -9.02 -5.97 41.86
CA ILE B 236 -7.69 -5.65 42.32
C ILE B 236 -7.35 -6.31 43.66
N ASN B 237 -8.37 -6.66 44.43
CA ASN B 237 -8.15 -7.34 45.69
C ASN B 237 -8.01 -8.82 45.43
N ASN B 238 -8.70 -9.29 44.38
CA ASN B 238 -8.64 -10.69 43.97
C ASN B 238 -7.27 -11.04 43.41
N LEU B 239 -6.62 -10.03 42.85
CA LEU B 239 -5.27 -10.15 42.31
C LEU B 239 -4.25 -10.17 43.43
N THR B 240 -4.35 -9.18 44.32
CA THR B 240 -3.39 -9.03 45.42
C THR B 240 -3.52 -10.00 46.59
N SER B 241 -4.59 -10.79 46.60
CA SER B 241 -4.83 -11.75 47.67
C SER B 241 -3.94 -12.96 47.60
N LYS B 242 -3.52 -13.31 46.39
CA LYS B 242 -2.75 -14.53 46.20
C LYS B 242 -1.27 -14.29 45.90
N ALA B 243 -0.93 -13.06 45.50
CA ALA B 243 0.45 -12.70 45.16
C ALA B 243 0.72 -11.20 45.21
N SER B 244 1.99 -10.84 45.30
CA SER B 244 2.40 -9.44 45.34
C SER B 244 3.18 -9.07 44.08
N ASP B 245 3.30 -10.03 43.16
CA ASP B 245 3.97 -9.79 41.88
C ASP B 245 2.96 -9.92 40.75
N PHE B 246 3.11 -9.10 39.72
CA PHE B 246 2.15 -9.08 38.62
C PHE B 246 2.79 -8.91 37.25
N LEU B 247 2.14 -9.48 36.24
CA LEU B 247 2.65 -9.39 34.88
C LEU B 247 1.70 -8.57 34.02
N CYS B 248 2.22 -7.50 33.42
CA CYS B 248 1.43 -6.68 32.51
C CYS B 248 2.13 -6.71 31.16
N LEU B 249 1.44 -7.22 30.14
CA LEU B 249 2.05 -7.37 28.82
C LEU B 249 1.33 -6.62 27.69
N ASP B 250 2.09 -6.36 26.64
CA ASP B 250 1.60 -5.70 25.44
C ASP B 250 1.67 -6.68 24.30
N TYR B 251 0.55 -7.24 23.88
CA TYR B 251 0.60 -8.18 22.76
C TYR B 251 0.50 -7.46 21.43
N SER B 252 1.40 -7.75 20.52
CA SER B 252 1.38 -7.13 19.22
C SER B 252 0.77 -8.09 18.20
N LYS B 253 0.03 -7.54 17.24
CA LYS B 253 -0.61 -8.27 16.15
C LYS B 253 -1.41 -9.52 16.57
N TRP B 254 -2.15 -9.40 17.66
CA TRP B 254 -2.91 -10.49 18.24
C TRP B 254 -4.02 -11.03 17.36
N ASP B 255 -4.98 -10.18 17.02
CA ASP B 255 -6.15 -10.57 16.26
C ASP B 255 -5.79 -11.16 14.92
N SER B 256 -4.78 -10.58 14.30
CA SER B 256 -4.35 -11.00 12.98
C SER B 256 -3.55 -12.29 12.91
N THR B 257 -3.04 -12.78 14.04
CA THR B 257 -2.23 -14.00 14.02
C THR B 257 -2.73 -15.10 14.95
N MET B 258 -3.95 -14.98 15.47
CA MET B 258 -4.50 -16.01 16.34
C MET B 258 -4.71 -17.28 15.51
N SER B 259 -4.15 -18.38 15.98
CA SER B 259 -4.19 -19.63 15.23
C SER B 259 -5.57 -20.26 15.28
N PRO B 260 -6.11 -20.64 14.11
CA PRO B 260 -7.44 -21.24 13.97
C PRO B 260 -7.85 -22.32 14.97
N CYS B 261 -6.96 -23.25 15.27
CA CYS B 261 -7.28 -24.34 16.18
C CYS B 261 -7.59 -23.87 17.61
N VAL B 262 -7.09 -22.71 17.97
CA VAL B 262 -7.38 -22.12 19.27
C VAL B 262 -8.76 -21.47 19.22
N VAL B 263 -9.06 -20.79 18.11
CA VAL B 263 -10.34 -20.13 17.92
C VAL B 263 -11.47 -21.16 17.90
N ARG B 264 -11.20 -22.25 17.17
CA ARG B 264 -12.13 -23.36 17.05
C ARG B 264 -12.43 -23.96 18.41
N LEU B 265 -11.39 -24.15 19.21
CA LEU B 265 -11.49 -24.71 20.56
C LEU B 265 -12.34 -23.82 21.44
N ALA B 266 -12.06 -22.51 21.39
CA ALA B 266 -12.77 -21.54 22.20
C ALA B 266 -14.27 -21.50 21.89
N ILE B 267 -14.62 -21.73 20.62
CA ILE B 267 -16.02 -21.79 20.20
C ILE B 267 -16.67 -23.07 20.76
N ASP B 268 -15.97 -24.21 20.61
CA ASP B 268 -16.44 -25.49 21.13
C ASP B 268 -16.79 -25.41 22.61
N ILE B 269 -15.96 -24.71 23.37
CA ILE B 269 -16.16 -24.50 24.80
C ILE B 269 -17.40 -23.65 25.08
N LEU B 270 -17.49 -22.50 24.41
CA LEU B 270 -18.64 -21.61 24.57
C LEU B 270 -19.96 -22.27 24.19
N ALA B 271 -19.94 -23.01 23.08
CA ALA B 271 -21.12 -23.70 22.57
C ALA B 271 -21.59 -24.86 23.43
N ASP B 272 -20.64 -25.49 24.13
CA ASP B 272 -20.89 -26.65 24.98
C ASP B 272 -21.89 -26.38 26.09
N CYS B 273 -22.11 -25.10 26.40
CA CYS B 273 -23.05 -24.70 27.42
C CYS B 273 -24.40 -24.34 26.84
N CYS B 274 -24.52 -24.41 25.51
CA CYS B 274 -25.77 -24.01 24.89
C CYS B 274 -26.70 -25.17 24.56
N GLU B 275 -27.97 -24.83 24.28
CA GLU B 275 -29.00 -25.80 23.92
C GLU B 275 -28.62 -26.49 22.62
N GLN B 276 -28.59 -27.82 22.63
CA GLN B 276 -28.23 -28.60 21.46
C GLN B 276 -29.28 -28.61 20.36
N THR B 277 -29.33 -27.51 19.59
CA THR B 277 -30.24 -27.39 18.47
C THR B 277 -29.49 -27.35 17.17
N GLU B 278 -30.25 -27.24 16.09
CA GLU B 278 -29.71 -27.09 14.76
C GLU B 278 -29.23 -25.65 14.65
N LEU B 279 -29.84 -24.76 15.43
CA LEU B 279 -29.46 -23.35 15.47
C LEU B 279 -28.05 -23.18 16.05
N THR B 280 -27.75 -23.95 17.09
CA THR B 280 -26.43 -23.90 17.72
C THR B 280 -25.39 -24.56 16.83
N LYS B 281 -25.74 -25.71 16.27
CA LYS B 281 -24.83 -26.46 15.39
C LYS B 281 -24.38 -25.61 14.21
N SER B 282 -25.35 -24.98 13.55
CA SER B 282 -25.07 -24.10 12.43
C SER B 282 -24.07 -23.04 12.80
N VAL B 283 -24.42 -22.20 13.77
CA VAL B 283 -23.56 -21.10 14.24
C VAL B 283 -22.10 -21.49 14.46
N VAL B 284 -21.93 -22.58 15.21
CA VAL B 284 -20.63 -23.15 15.56
C VAL B 284 -19.85 -23.56 14.32
N LEU B 285 -20.53 -24.21 13.38
CA LEU B 285 -19.92 -24.59 12.11
C LEU B 285 -19.49 -23.36 11.31
N THR B 286 -20.23 -22.26 11.41
CA THR B 286 -19.83 -21.07 10.67
C THR B 286 -18.67 -20.33 11.31
N LEU B 287 -18.75 -20.11 12.63
CA LEU B 287 -17.71 -19.34 13.32
C LEU B 287 -16.36 -20.05 13.34
N LYS B 288 -16.38 -21.38 13.34
CA LYS B 288 -15.14 -22.18 13.33
C LYS B 288 -14.50 -22.25 11.96
N SER B 289 -15.26 -21.91 10.92
CA SER B 289 -14.73 -21.97 9.58
C SER B 289 -13.94 -20.70 9.29
N HIS B 290 -12.97 -20.80 8.39
CA HIS B 290 -12.11 -19.69 7.98
C HIS B 290 -12.90 -18.48 7.50
N PRO B 291 -12.75 -17.37 8.23
CA PRO B 291 -13.41 -16.10 7.89
C PRO B 291 -13.08 -15.62 6.48
N MET B 292 -14.03 -14.92 5.86
CA MET B 292 -13.84 -14.39 4.53
C MET B 292 -14.22 -12.92 4.51
N THR B 293 -13.65 -12.13 3.61
CA THR B 293 -14.04 -10.72 3.51
C THR B 293 -14.16 -10.22 2.10
N ILE B 294 -15.13 -9.31 1.90
CA ILE B 294 -15.32 -8.71 0.61
C ILE B 294 -14.72 -7.33 0.59
N LEU B 295 -13.58 -7.22 -0.07
CA LEU B 295 -12.90 -5.96 -0.27
C LEU B 295 -13.05 -5.62 -1.72
N ASP B 296 -13.97 -4.71 -2.03
CA ASP B 296 -14.19 -4.16 -3.37
C ASP B 296 -14.05 -5.17 -4.51
N ALA B 297 -15.15 -5.85 -4.84
CA ALA B 297 -15.17 -6.87 -5.89
C ALA B 297 -14.29 -8.11 -5.65
N MET B 298 -13.73 -8.25 -4.44
CA MET B 298 -12.86 -9.39 -4.16
C MET B 298 -13.19 -10.12 -2.87
N ILE B 299 -13.36 -11.44 -2.96
CA ILE B 299 -13.55 -12.25 -1.77
C ILE B 299 -12.16 -12.65 -1.32
N VAL B 300 -11.81 -12.33 -0.08
CA VAL B 300 -10.49 -12.66 0.43
C VAL B 300 -10.62 -13.76 1.46
N GLN B 301 -10.03 -14.92 1.18
CA GLN B 301 -10.08 -16.01 2.12
C GLN B 301 -8.99 -15.79 3.13
N THR B 302 -9.04 -16.50 4.24
CA THR B 302 -8.09 -16.25 5.30
C THR B 302 -7.49 -17.57 5.79
N LYS B 303 -6.31 -17.51 6.40
CA LYS B 303 -5.66 -18.73 6.89
C LYS B 303 -5.47 -18.72 8.40
N ARG B 304 -5.59 -17.54 8.99
CA ARG B 304 -5.48 -17.36 10.44
C ARG B 304 -6.14 -16.06 10.84
N GLY B 305 -6.20 -15.83 12.14
CA GLY B 305 -6.77 -14.61 12.65
C GLY B 305 -8.12 -14.79 13.29
N LEU B 306 -8.58 -13.75 13.98
CA LEU B 306 -9.87 -13.71 14.66
C LEU B 306 -10.40 -12.28 14.49
N PRO B 307 -11.29 -12.11 13.52
CA PRO B 307 -11.90 -10.82 13.18
C PRO B 307 -12.61 -10.13 14.34
N SER B 308 -12.27 -8.86 14.58
CA SER B 308 -12.86 -8.04 15.63
C SER B 308 -14.32 -7.75 15.35
N GLY B 309 -14.80 -8.22 14.21
CA GLY B 309 -16.21 -8.11 13.87
C GLY B 309 -16.96 -9.42 14.06
N MET B 310 -16.31 -10.46 14.57
CA MET B 310 -17.01 -11.71 14.82
C MET B 310 -18.03 -11.44 15.93
N PRO B 311 -19.24 -11.99 15.81
CA PRO B 311 -20.20 -11.83 16.87
C PRO B 311 -19.57 -12.41 18.12
N PHE B 312 -19.60 -11.64 19.22
CA PHE B 312 -19.05 -12.04 20.52
C PHE B 312 -17.56 -12.28 20.42
N THR B 313 -16.85 -11.37 19.74
CA THR B 313 -15.41 -11.53 19.55
C THR B 313 -14.62 -11.39 20.83
N SER B 314 -15.04 -10.47 21.69
CA SER B 314 -14.35 -10.17 22.92
C SER B 314 -14.30 -11.34 23.88
N VAL B 315 -15.45 -12.00 24.09
CA VAL B 315 -15.50 -13.19 24.93
C VAL B 315 -14.67 -14.30 24.29
N ILE B 316 -14.92 -14.60 23.02
CA ILE B 316 -14.19 -15.64 22.30
C ILE B 316 -12.68 -15.39 22.31
N ASN B 317 -12.28 -14.12 22.14
CA ASN B 317 -10.87 -13.76 22.19
C ASN B 317 -10.28 -13.91 23.59
N SER B 318 -11.06 -13.51 24.59
CA SER B 318 -10.66 -13.61 26.00
C SER B 318 -10.39 -15.06 26.39
N ILE B 319 -11.23 -15.97 25.90
CA ILE B 319 -11.05 -17.40 26.12
C ILE B 319 -9.75 -17.87 25.47
N CYS B 320 -9.49 -17.42 24.24
CA CYS B 320 -8.23 -17.74 23.55
C CYS B 320 -7.03 -17.24 24.36
N HIS B 321 -7.14 -16.02 24.88
CA HIS B 321 -6.12 -15.45 25.76
C HIS B 321 -5.92 -16.33 26.99
N TRP B 322 -7.03 -16.66 27.66
CA TRP B 322 -7.02 -17.50 28.85
C TRP B 322 -6.30 -18.80 28.53
N LEU B 323 -6.78 -19.50 27.49
CA LEU B 323 -6.22 -20.77 27.05
C LEU B 323 -4.70 -20.74 26.90
N LEU B 324 -4.20 -19.83 26.06
CA LEU B 324 -2.78 -19.73 25.77
C LEU B 324 -1.96 -19.30 26.98
N TRP B 325 -2.44 -18.32 27.73
CA TRP B 325 -1.73 -17.86 28.93
C TRP B 325 -1.62 -19.00 29.94
N SER B 326 -2.75 -19.68 30.17
CA SER B 326 -2.81 -20.80 31.10
C SER B 326 -2.00 -22.01 30.58
N ALA B 327 -1.93 -22.16 29.26
CA ALA B 327 -1.19 -23.28 28.69
C ALA B 327 0.31 -23.07 28.76
N ALA B 328 0.72 -21.82 28.60
CA ALA B 328 2.13 -21.45 28.63
C ALA B 328 2.73 -21.69 30.01
N VAL B 329 1.92 -21.52 31.05
CA VAL B 329 2.36 -21.80 32.41
C VAL B 329 2.36 -23.30 32.69
N TYR B 330 1.25 -23.98 32.33
CA TYR B 330 1.12 -25.43 32.52
C TYR B 330 2.25 -26.19 31.83
N LYS B 331 2.65 -25.68 30.68
CA LYS B 331 3.76 -26.24 29.92
C LYS B 331 5.09 -25.99 30.65
N SER B 332 5.23 -24.77 31.17
CA SER B 332 6.46 -24.37 31.84
C SER B 332 6.72 -25.14 33.14
N CYS B 333 5.64 -25.50 33.82
CA CYS B 333 5.77 -26.29 35.04
C CYS B 333 6.21 -27.70 34.70
N ALA B 334 5.68 -28.26 33.61
CA ALA B 334 6.07 -29.60 33.17
C ALA B 334 7.49 -29.67 32.63
N GLU B 335 7.94 -28.57 32.02
CA GLU B 335 9.27 -28.47 31.43
C GLU B 335 10.36 -28.44 32.51
N ILE B 336 10.15 -27.67 33.57
CA ILE B 336 11.14 -27.59 34.63
C ILE B 336 10.99 -28.77 35.63
N GLY B 337 9.77 -29.32 35.73
CA GLY B 337 9.57 -30.48 36.58
C GLY B 337 8.42 -30.49 37.57
N LEU B 338 7.48 -29.57 37.43
CA LEU B 338 6.33 -29.54 38.33
C LEU B 338 5.02 -29.88 37.63
N HIS B 339 3.96 -29.80 38.42
CA HIS B 339 2.60 -30.01 37.93
C HIS B 339 1.73 -29.01 38.67
N CYS B 340 0.92 -28.29 37.92
CA CYS B 340 0.00 -27.35 38.54
C CYS B 340 -1.26 -27.22 37.70
N SER B 341 -2.37 -27.08 38.39
CA SER B 341 -3.67 -26.93 37.75
C SER B 341 -4.31 -25.68 38.29
N ASN B 342 -5.53 -25.40 37.81
CA ASN B 342 -6.36 -24.29 38.27
C ASN B 342 -5.59 -22.98 38.42
N LEU B 343 -5.08 -22.44 37.31
CA LEU B 343 -4.28 -21.21 37.34
C LEU B 343 -4.96 -20.08 38.08
N TYR B 344 -6.16 -19.73 37.62
CA TYR B 344 -7.00 -18.69 38.21
C TYR B 344 -7.44 -18.88 39.68
N GLU B 345 -6.95 -19.96 40.30
CA GLU B 345 -7.24 -20.23 41.70
C GLU B 345 -5.95 -20.16 42.51
N ASP B 346 -4.82 -20.15 41.81
CA ASP B 346 -3.52 -20.04 42.48
C ASP B 346 -2.97 -18.64 42.22
N ALA B 347 -3.08 -18.19 40.97
CA ALA B 347 -2.72 -16.82 40.62
C ALA B 347 -3.74 -16.26 39.64
N PRO B 348 -4.88 -15.79 40.16
CA PRO B 348 -5.96 -15.22 39.35
C PRO B 348 -5.49 -14.17 38.38
N PHE B 349 -6.03 -14.23 37.18
CA PHE B 349 -5.66 -13.32 36.13
C PHE B 349 -6.92 -12.81 35.48
N TYR B 350 -6.76 -11.84 34.60
CA TYR B 350 -7.89 -11.29 33.89
C TYR B 350 -7.50 -11.14 32.43
N THR B 351 -8.43 -11.37 31.52
CA THR B 351 -8.20 -11.15 30.09
C THR B 351 -9.34 -10.32 29.47
N TYR B 352 -9.02 -9.62 28.39
CA TYR B 352 -10.01 -8.86 27.62
C TYR B 352 -9.42 -8.67 26.23
N GLY B 353 -9.59 -9.69 25.39
CA GLY B 353 -9.02 -9.65 24.05
C GLY B 353 -7.53 -9.80 24.17
N ASP B 354 -6.80 -8.92 23.48
CA ASP B 354 -5.34 -8.93 23.49
C ASP B 354 -4.76 -8.40 24.79
N ASP B 355 -5.63 -7.85 25.63
CA ASP B 355 -5.20 -7.23 26.87
C ASP B 355 -5.37 -8.19 28.02
N GLY B 356 -4.38 -8.21 28.90
CA GLY B 356 -4.40 -9.06 30.06
C GLY B 356 -3.58 -8.53 31.22
N VAL B 357 -3.94 -8.97 32.42
CA VAL B 357 -3.22 -8.63 33.62
C VAL B 357 -3.21 -9.89 34.50
N TYR B 358 -2.02 -10.35 34.86
CA TYR B 358 -1.94 -11.61 35.59
C TYR B 358 -1.17 -11.52 36.88
N ALA B 359 -1.58 -12.28 37.88
CA ALA B 359 -0.86 -12.37 39.13
C ALA B 359 0.30 -13.34 38.97
N MET B 360 1.39 -13.08 39.66
CA MET B 360 2.59 -13.91 39.59
C MET B 360 3.03 -14.39 40.95
N THR B 361 2.98 -15.69 41.17
CA THR B 361 3.47 -16.27 42.43
C THR B 361 5.01 -16.28 42.35
N PRO B 362 5.72 -16.40 43.48
CA PRO B 362 7.19 -16.49 43.47
C PRO B 362 7.76 -17.60 42.58
N MET B 363 6.99 -18.66 42.37
CA MET B 363 7.33 -19.74 41.48
C MET B 363 7.28 -19.26 40.02
N MET B 364 6.26 -18.46 39.71
CA MET B 364 6.05 -17.94 38.35
C MET B 364 7.03 -16.86 37.91
N VAL B 365 7.62 -16.16 38.87
CA VAL B 365 8.59 -15.10 38.58
C VAL B 365 9.87 -15.69 37.99
N SER B 366 10.39 -16.74 38.61
CA SER B 366 11.59 -17.40 38.10
C SER B 366 11.26 -18.32 36.92
N LEU B 367 9.99 -18.68 36.78
CA LEU B 367 9.53 -19.50 35.68
C LEU B 367 9.10 -18.62 34.49
N LEU B 368 9.15 -17.30 34.70
CA LEU B 368 8.80 -16.33 33.65
C LEU B 368 9.52 -16.44 32.29
N PRO B 369 10.85 -16.51 32.22
CA PRO B 369 11.54 -16.60 30.92
C PRO B 369 11.02 -17.73 30.03
N ALA B 370 10.63 -18.84 30.65
CA ALA B 370 10.06 -19.97 29.93
C ALA B 370 8.62 -19.69 29.49
N ILE B 371 7.83 -19.09 30.39
CA ILE B 371 6.43 -18.76 30.09
C ILE B 371 6.32 -17.84 28.88
N ILE B 372 7.19 -16.84 28.82
CA ILE B 372 7.23 -15.91 27.69
C ILE B 372 7.65 -16.61 26.40
N GLU B 373 8.58 -17.55 26.52
CA GLU B 373 9.06 -18.28 25.38
C GLU B 373 7.95 -19.20 24.85
N ASN B 374 7.31 -19.92 25.76
CA ASN B 374 6.19 -20.78 25.43
C ASN B 374 5.02 -19.99 24.84
N LEU B 375 4.88 -18.75 25.29
CA LEU B 375 3.85 -17.83 24.80
C LEU B 375 4.16 -17.49 23.36
N ARG B 376 5.44 -17.24 23.08
CA ARG B 376 5.90 -16.90 21.74
C ARG B 376 5.80 -18.09 20.81
N ASP B 377 6.11 -19.28 21.33
CA ASP B 377 6.04 -20.53 20.58
C ASP B 377 4.59 -20.94 20.32
N TYR B 378 3.66 -20.27 20.98
CA TYR B 378 2.24 -20.45 20.74
C TYR B 378 1.76 -19.45 19.69
N GLY B 379 2.70 -18.65 19.16
CA GLY B 379 2.38 -17.68 18.12
C GLY B 379 2.20 -16.23 18.55
N LEU B 380 2.18 -15.99 19.86
CA LEU B 380 1.95 -14.65 20.39
C LEU B 380 3.20 -13.77 20.37
N SER B 381 2.99 -12.46 20.38
CA SER B 381 4.13 -11.53 20.36
C SER B 381 4.00 -10.49 21.46
N PRO B 382 4.33 -10.87 22.70
CA PRO B 382 4.23 -9.92 23.80
C PRO B 382 5.40 -8.95 23.89
N THR B 383 5.12 -7.83 24.54
CA THR B 383 6.10 -6.78 24.83
C THR B 383 5.73 -6.21 26.19
N ALA B 384 6.59 -5.37 26.74
CA ALA B 384 6.34 -4.77 28.05
C ALA B 384 5.22 -3.73 27.95
N ALA B 385 4.19 -3.89 28.78
CA ALA B 385 3.06 -2.95 28.79
C ALA B 385 3.48 -1.58 29.33
N ASP B 386 4.62 -1.57 30.03
CA ASP B 386 5.22 -0.35 30.55
C ASP B 386 5.98 0.36 29.42
N LYS B 387 5.94 -0.23 28.22
CA LYS B 387 6.58 0.26 26.99
C LYS B 387 8.11 0.37 27.06
N THR B 388 8.72 -0.45 27.90
CA THR B 388 10.18 -0.46 28.04
C THR B 388 10.78 -1.60 27.24
N GLU B 389 12.11 -1.56 27.06
CA GLU B 389 12.84 -2.56 26.28
C GLU B 389 12.69 -3.98 26.86
N PHE B 390 12.75 -4.09 28.18
CA PHE B 390 12.64 -5.40 28.82
C PHE B 390 11.32 -5.62 29.54
N ILE B 391 10.82 -6.84 29.44
CA ILE B 391 9.55 -7.20 30.06
C ILE B 391 9.80 -8.06 31.32
N ASP B 392 9.30 -7.58 32.45
CA ASP B 392 9.42 -8.31 33.72
C ASP B 392 8.25 -8.02 34.65
N VAL B 393 8.25 -8.70 35.79
CA VAL B 393 7.21 -8.52 36.80
C VAL B 393 7.15 -7.07 37.30
N CYS B 394 5.94 -6.57 37.45
CA CYS B 394 5.72 -5.21 37.92
C CYS B 394 4.79 -5.27 39.12
N PRO B 395 4.96 -4.39 40.10
CA PRO B 395 4.08 -4.37 41.28
C PRO B 395 2.65 -3.89 41.00
N LEU B 396 1.87 -3.69 42.05
CA LEU B 396 0.51 -3.19 41.88
C LEU B 396 0.48 -1.71 41.54
N ASN B 397 1.54 -1.00 41.89
CA ASN B 397 1.64 0.44 41.66
C ASN B 397 1.68 0.81 40.18
N LYS B 398 2.38 0.00 39.39
CA LYS B 398 2.56 0.27 37.97
C LYS B 398 1.67 -0.62 37.09
N ILE B 399 0.69 -1.27 37.72
CA ILE B 399 -0.22 -2.17 37.02
C ILE B 399 -1.02 -1.46 35.91
N SER B 400 -1.33 -2.16 34.82
CA SER B 400 -2.06 -1.53 33.73
C SER B 400 -3.05 -2.45 33.06
N PHE B 401 -4.31 -2.00 32.99
CA PHE B 401 -5.39 -2.77 32.39
C PHE B 401 -6.34 -1.83 31.70
N LEU B 402 -6.79 -2.22 30.51
CA LEU B 402 -7.75 -1.47 29.70
C LEU B 402 -7.46 0.02 29.52
N LYS B 403 -6.18 0.34 29.35
CA LYS B 403 -5.67 1.71 29.15
C LYS B 403 -5.75 2.56 30.41
N ARG B 404 -5.86 1.90 31.56
CA ARG B 404 -5.97 2.58 32.85
C ARG B 404 -4.89 2.15 33.82
N THR B 405 -4.51 3.08 34.70
CA THR B 405 -3.59 2.76 35.79
C THR B 405 -4.42 2.85 37.06
N PHE B 406 -3.90 2.33 38.17
CA PHE B 406 -4.70 2.30 39.39
C PHE B 406 -3.98 2.94 40.58
N GLU B 407 -4.75 3.62 41.42
CA GLU B 407 -4.22 4.34 42.57
C GLU B 407 -5.19 4.26 43.75
N LEU B 408 -4.68 3.83 44.89
CA LEU B 408 -5.50 3.69 46.10
C LEU B 408 -5.73 5.04 46.78
N THR B 409 -7.00 5.35 47.07
CA THR B 409 -7.36 6.62 47.70
C THR B 409 -8.33 6.43 48.87
N ASP B 410 -9.19 7.43 49.04
CA ASP B 410 -10.24 7.43 50.06
C ASP B 410 -11.47 6.64 49.60
N ILE B 411 -11.85 6.83 48.33
CA ILE B 411 -12.97 6.11 47.71
C ILE B 411 -12.52 4.67 47.36
N GLY B 412 -11.25 4.40 47.63
CA GLY B 412 -10.70 3.09 47.38
C GLY B 412 -9.85 3.18 46.14
N TRP B 413 -9.87 2.13 45.35
CA TRP B 413 -9.07 2.08 44.14
C TRP B 413 -9.67 2.88 43.00
N VAL B 414 -8.99 3.96 42.65
CA VAL B 414 -9.43 4.82 41.56
C VAL B 414 -8.71 4.42 40.29
N SER B 415 -9.49 4.17 39.23
CA SER B 415 -8.93 3.87 37.94
C SER B 415 -8.88 5.20 37.19
N LYS B 416 -7.75 5.48 36.57
CA LYS B 416 -7.59 6.72 35.85
C LYS B 416 -7.18 6.42 34.43
N LEU B 417 -7.87 7.03 33.48
CA LEU B 417 -7.49 6.94 32.07
C LEU B 417 -6.25 7.77 31.88
N ASP B 418 -5.51 7.46 30.82
CA ASP B 418 -4.31 8.21 30.45
C ASP B 418 -4.77 9.62 30.11
N LYS B 419 -4.05 10.61 30.64
CA LYS B 419 -4.37 12.03 30.48
C LYS B 419 -4.62 12.47 29.03
N SER B 420 -3.85 11.92 28.10
CA SER B 420 -3.98 12.33 26.71
C SER B 420 -5.28 11.83 26.07
N SER B 421 -5.81 10.71 26.54
CA SER B 421 -7.06 10.16 26.03
C SER B 421 -8.26 10.96 26.52
N ILE B 422 -8.01 11.75 27.56
CA ILE B 422 -8.99 12.66 28.08
C ILE B 422 -8.87 13.96 27.28
N LEU B 423 -7.64 14.39 27.01
CA LEU B 423 -7.40 15.64 26.29
C LEU B 423 -7.86 15.60 24.84
N ARG B 424 -7.78 14.42 24.21
CA ARG B 424 -8.24 14.22 22.83
C ARG B 424 -9.71 14.52 22.66
N GLN B 425 -10.47 14.30 23.73
CA GLN B 425 -11.88 14.57 23.73
C GLN B 425 -12.15 16.06 23.79
N LEU B 426 -11.18 16.84 24.27
CA LEU B 426 -11.31 18.29 24.29
C LEU B 426 -10.93 18.87 22.94
N GLU B 427 -10.02 18.22 22.23
CA GLU B 427 -9.50 18.71 20.96
C GLU B 427 -10.30 18.21 19.76
N TRP B 428 -10.78 16.96 19.85
CA TRP B 428 -11.50 16.37 18.72
C TRP B 428 -12.95 16.05 19.08
N SER B 429 -13.79 16.01 18.05
CA SER B 429 -15.17 15.63 18.24
C SER B 429 -15.60 14.78 17.07
N LYS B 430 -16.19 13.63 17.37
CA LYS B 430 -16.72 12.74 16.34
C LYS B 430 -18.04 13.32 15.85
N THR B 431 -18.08 13.74 14.60
CA THR B 431 -19.31 14.33 14.08
C THR B 431 -20.15 13.31 13.33
N THR B 432 -21.23 13.77 12.72
CA THR B 432 -22.11 12.88 11.98
C THR B 432 -21.80 12.89 10.50
N SER B 433 -20.97 13.83 10.08
CA SER B 433 -20.62 13.93 8.66
C SER B 433 -19.19 13.48 8.38
N ARG B 434 -18.96 13.04 7.15
CA ARG B 434 -17.62 12.64 6.74
C ARG B 434 -16.86 13.89 6.30
N HIS B 435 -15.65 14.06 6.80
CA HIS B 435 -14.84 15.20 6.42
C HIS B 435 -13.71 14.71 5.54
N MET B 436 -13.60 15.28 4.34
CA MET B 436 -12.60 14.84 3.36
C MET B 436 -11.18 15.32 3.65
N VAL B 437 -11.06 16.27 4.57
CA VAL B 437 -9.77 16.76 5.04
C VAL B 437 -9.86 16.95 6.54
N ILE B 438 -8.73 17.18 7.20
CA ILE B 438 -8.76 17.48 8.62
C ILE B 438 -9.13 18.94 8.74
N GLU B 439 -10.22 19.22 9.44
CA GLU B 439 -10.71 20.58 9.55
C GLU B 439 -11.48 20.82 10.84
N GLU B 440 -11.84 22.08 11.05
CA GLU B 440 -12.65 22.43 12.21
C GLU B 440 -14.11 22.19 11.90
N THR B 441 -14.88 21.86 12.93
CA THR B 441 -16.31 21.75 12.76
C THR B 441 -16.96 22.74 13.68
N TYR B 442 -18.18 23.11 13.35
CA TYR B 442 -18.91 24.04 14.20
C TYR B 442 -20.21 23.38 14.57
N ASP B 443 -20.23 22.05 14.47
CA ASP B 443 -21.40 21.26 14.78
C ASP B 443 -21.17 20.57 16.10
N LEU B 444 -21.09 21.37 17.15
CA LEU B 444 -20.80 20.86 18.47
C LEU B 444 -21.99 20.92 19.41
N ALA B 445 -23.10 21.48 18.94
CA ALA B 445 -24.29 21.63 19.77
C ALA B 445 -25.19 20.40 19.70
N LYS B 446 -24.64 19.26 20.10
CA LYS B 446 -25.32 17.98 20.00
C LYS B 446 -25.30 17.36 21.36
N GLU B 447 -26.39 16.69 21.73
CA GLU B 447 -26.49 16.13 23.06
C GLU B 447 -25.48 15.04 23.37
N GLU B 448 -24.97 14.39 22.33
CA GLU B 448 -23.94 13.37 22.44
C GLU B 448 -22.61 13.99 22.90
N ARG B 449 -22.33 15.21 22.46
CA ARG B 449 -21.13 15.95 22.84
C ARG B 449 -21.32 16.43 24.27
N GLY B 450 -22.56 16.75 24.61
CA GLY B 450 -22.93 17.20 25.92
C GLY B 450 -22.65 16.21 27.02
N VAL B 451 -23.11 14.97 26.86
CA VAL B 451 -22.82 13.99 27.89
C VAL B 451 -21.33 13.64 27.88
N GLN B 452 -20.71 13.65 26.68
CA GLN B 452 -19.27 13.35 26.57
C GLN B 452 -18.46 14.32 27.43
N LEU B 453 -18.79 15.60 27.36
CA LEU B 453 -18.07 16.57 28.18
C LEU B 453 -18.51 16.56 29.63
N GLU B 454 -19.71 16.04 29.91
CA GLU B 454 -20.11 15.91 31.31
C GLU B 454 -19.38 14.72 31.96
N GLU B 455 -19.24 13.63 31.21
CA GLU B 455 -18.55 12.45 31.73
C GLU B 455 -17.04 12.68 31.84
N LEU B 456 -16.48 13.50 30.96
CA LEU B 456 -15.05 13.82 30.98
C LEU B 456 -14.60 14.42 32.32
N GLN B 457 -15.51 15.17 32.96
CA GLN B 457 -15.28 15.76 34.28
C GLN B 457 -15.05 14.71 35.36
N VAL B 458 -15.80 13.62 35.28
CA VAL B 458 -15.64 12.50 36.19
C VAL B 458 -14.28 11.89 35.89
N ALA B 459 -14.02 11.65 34.61
CA ALA B 459 -12.73 11.09 34.18
C ALA B 459 -11.57 11.93 34.66
N ALA B 460 -11.62 13.24 34.38
CA ALA B 460 -10.56 14.16 34.78
C ALA B 460 -10.27 14.19 36.29
N ALA B 461 -11.33 14.09 37.11
CA ALA B 461 -11.21 14.14 38.57
C ALA B 461 -10.36 13.04 39.20
N ALA B 462 -10.18 11.95 38.48
CA ALA B 462 -9.37 10.84 38.97
C ALA B 462 -7.91 11.27 39.12
N HIS B 463 -7.50 12.23 38.30
CA HIS B 463 -6.14 12.76 38.35
C HIS B 463 -5.94 13.91 39.35
N GLY B 464 -6.94 14.19 40.16
CA GLY B 464 -6.81 15.22 41.18
C GLY B 464 -7.26 16.59 40.73
N GLN B 465 -7.30 17.53 41.67
CA GLN B 465 -7.82 18.86 41.41
C GLN B 465 -7.10 19.70 40.35
N GLU B 466 -5.77 19.70 40.37
CA GLU B 466 -4.97 20.48 39.42
C GLU B 466 -5.27 20.11 37.97
N PHE B 467 -5.33 18.81 37.68
CA PHE B 467 -5.66 18.35 36.34
C PHE B 467 -7.13 18.58 36.07
N PHE B 468 -7.97 18.46 37.11
CA PHE B 468 -9.40 18.70 36.95
C PHE B 468 -9.60 20.14 36.54
N ASN B 469 -8.92 21.04 37.24
CA ASN B 469 -8.97 22.47 36.96
C ASN B 469 -8.50 22.80 35.56
N PHE B 470 -7.45 22.11 35.15
CA PHE B 470 -6.84 22.27 33.84
C PHE B 470 -7.81 21.96 32.69
N VAL B 471 -8.54 20.86 32.82
CA VAL B 471 -9.50 20.43 31.81
C VAL B 471 -10.78 21.28 31.83
N CYS B 472 -11.20 21.68 33.04
CA CYS B 472 -12.45 22.41 33.19
C CYS B 472 -12.43 23.84 32.73
N ARG B 473 -11.23 24.40 32.59
CA ARG B 473 -11.05 25.76 32.12
C ARG B 473 -11.41 25.74 30.65
N GLU B 474 -11.00 24.67 29.98
CA GLU B 474 -11.27 24.48 28.57
C GLU B 474 -12.71 24.04 28.39
N LEU B 475 -13.23 23.31 29.37
CA LEU B 475 -14.63 22.86 29.32
C LEU B 475 -15.58 24.03 29.36
N GLU B 476 -15.25 24.99 30.23
CA GLU B 476 -16.04 26.21 30.41
C GLU B 476 -16.01 27.08 29.17
N ARG B 477 -14.92 26.99 28.42
CA ARG B 477 -14.80 27.74 27.19
C ARG B 477 -15.67 27.12 26.10
N GLN B 478 -15.72 25.79 26.07
CA GLN B 478 -16.56 25.07 25.11
C GLN B 478 -18.07 25.09 25.42
N GLN B 479 -18.44 25.68 26.56
CA GLN B 479 -19.87 25.80 26.91
C GLN B 479 -20.55 26.75 25.94
N ALA B 480 -19.73 27.50 25.20
CA ALA B 480 -20.18 28.38 24.15
C ALA B 480 -20.54 27.60 22.88
N TYR B 481 -20.11 26.34 22.79
CA TYR B 481 -20.35 25.53 21.59
C TYR B 481 -21.28 24.36 21.87
N THR B 482 -21.43 24.01 23.14
CA THR B 482 -22.23 22.87 23.52
C THR B 482 -22.96 23.20 24.79
N GLN B 483 -24.27 22.93 24.84
CA GLN B 483 -25.05 23.17 26.05
C GLN B 483 -24.82 22.01 27.01
N PHE B 484 -24.08 22.26 28.08
CA PHE B 484 -23.80 21.24 29.07
C PHE B 484 -23.39 21.87 30.40
N SER B 485 -23.32 21.04 31.46
CA SER B 485 -23.02 21.53 32.81
C SER B 485 -21.58 21.26 33.28
N VAL B 486 -21.00 22.19 34.02
CA VAL B 486 -19.66 22.02 34.53
C VAL B 486 -19.76 21.96 36.02
N TYR B 487 -19.52 20.78 36.58
CA TYR B 487 -19.66 20.60 38.01
C TYR B 487 -18.32 20.84 38.70
N SER B 488 -18.40 21.03 40.02
CA SER B 488 -17.22 21.28 40.83
C SER B 488 -16.44 19.99 41.01
N TYR B 489 -15.22 20.12 41.52
CA TYR B 489 -14.34 18.97 41.76
C TYR B 489 -14.94 18.02 42.78
N ASP B 490 -15.50 18.58 43.85
CA ASP B 490 -16.13 17.78 44.91
C ASP B 490 -17.30 16.96 44.38
N ALA B 491 -18.16 17.58 43.57
CA ALA B 491 -19.28 16.90 42.93
C ALA B 491 -18.79 15.71 42.11
N ALA B 492 -17.77 15.97 41.30
CA ALA B 492 -17.15 14.95 40.45
C ALA B 492 -16.59 13.81 41.27
N ARG B 493 -15.93 14.15 42.36
CA ARG B 493 -15.39 13.16 43.29
C ARG B 493 -16.51 12.34 43.91
N LYS B 494 -17.60 13.02 44.27
CA LYS B 494 -18.75 12.39 44.92
C LYS B 494 -19.37 11.30 44.03
N ILE B 495 -19.46 11.58 42.73
CA ILE B 495 -19.98 10.63 41.74
C ILE B 495 -19.10 9.39 41.67
N LEU B 496 -17.79 9.64 41.65
CA LEU B 496 -16.78 8.59 41.60
C LEU B 496 -16.94 7.68 42.81
N ALA B 497 -17.27 8.28 43.95
CA ALA B 497 -17.54 7.52 45.17
C ALA B 497 -18.91 6.84 45.14
N ASP B 498 -19.91 7.47 44.53
CA ASP B 498 -21.25 6.88 44.46
C ASP B 498 -21.31 5.64 43.57
N ARG B 499 -20.53 5.64 42.49
CA ARG B 499 -20.49 4.51 41.57
C ARG B 499 -19.76 3.34 42.22
N LYS B 500 -18.93 3.63 43.22
CA LYS B 500 -18.18 2.62 43.96
C LYS B 500 -19.07 1.73 44.83
N ARG B 501 -20.35 2.05 44.90
CA ARG B 501 -21.32 1.23 45.61
C ARG B 501 -22.59 1.05 44.77
MN MN C . 19.48 4.17 -24.05
MN MN D . 19.89 5.33 -27.65
MN MN E . -3.93 -4.11 23.83
MN MN F . -1.80 -5.02 21.62
#